data_4OC8
#
_entry.id   4OC8
#
_cell.length_a   195.092
_cell.length_b   195.092
_cell.length_c   81.450
_cell.angle_alpha   90.00
_cell.angle_beta   90.00
_cell.angle_gamma   120.00
#
_symmetry.space_group_name_H-M   'P 62'
#
loop_
_entity.id
_entity.type
_entity.pdbx_description
1 polymer 'restriction endonuclease AspBHI'
2 non-polymer 'PHOSPHATE ION'
3 water water
#
_entity_poly.entity_id   1
_entity_poly.type   'polypeptide(L)'
_entity_poly.pdbx_seq_one_letter_code
;MTFFTGETLGQVDLIVDAVYAGYKTERGGMADPLVPLVGVSRQGGFRYRGTRERPTLLVLTSNLAEPEWPDQLDETTGTF
IYYGDNRHPGRLLHDTPRFGNQLLRQIFDWAHLGQRHLVPPILVFTTEATGRTFRFRGLAVPGSPALAATEDLVALWKTT
EGQRFQNYKAVFTILDEAVIPRAWVHAVGRGETSGLAPVAWNAWLSAGGIRPLMAPRSLLVRSKAEQLPATPEDQALIEV
IRQRYKENPFGFEACAGALTRLLLPDVARLDLTRPWRDGGRDGIGRLRIGQSPAAIEVDFALEAKCYGANNAVGVKEVSR
LISRIKHREFGVLVTTSYVDRQAYQEVTDDGHPVILTTAQDIVGLLRSAGVRTPTQVDAWLDGITASV
;
_entity_poly.pdbx_strand_id   A,B,C,D
#
loop_
_chem_comp.id
_chem_comp.type
_chem_comp.name
_chem_comp.formula
PO4 non-polymer 'PHOSPHATE ION' 'O4 P -3'
#
# COMPACT_ATOMS: atom_id res chain seq x y z
N THR A 2 -17.85 -27.08 -17.60
CA THR A 2 -16.44 -27.24 -17.27
C THR A 2 -16.23 -28.17 -16.07
N PHE A 3 -16.81 -29.36 -16.14
CA PHE A 3 -16.60 -30.38 -15.11
C PHE A 3 -16.31 -31.72 -15.79
N PHE A 4 -15.12 -32.27 -15.53
CA PHE A 4 -14.69 -33.48 -16.22
C PHE A 4 -14.41 -34.60 -15.24
N THR A 5 -14.95 -35.78 -15.52
CA THR A 5 -14.90 -36.88 -14.55
C THR A 5 -14.39 -38.21 -15.10
N GLY A 6 -15.04 -38.74 -16.13
CA GLY A 6 -14.75 -40.09 -16.59
C GLY A 6 -13.58 -40.16 -17.55
N GLU A 7 -13.75 -40.99 -18.59
CA GLU A 7 -12.73 -41.22 -19.61
C GLU A 7 -12.28 -39.92 -20.29
N THR A 8 -13.10 -38.89 -20.13
CA THR A 8 -12.82 -37.54 -20.63
C THR A 8 -11.45 -37.03 -20.21
N LEU A 9 -10.94 -37.54 -19.09
CA LEU A 9 -9.64 -37.13 -18.56
C LEU A 9 -8.46 -37.57 -19.43
N GLY A 10 -8.73 -38.44 -20.41
CA GLY A 10 -7.70 -38.84 -21.35
C GLY A 10 -7.75 -38.03 -22.64
N GLN A 11 -8.66 -37.07 -22.70
CA GLN A 11 -8.90 -36.33 -23.95
C GLN A 11 -8.90 -34.81 -23.80
N VAL A 12 -9.56 -34.30 -22.76
CA VAL A 12 -9.72 -32.85 -22.59
C VAL A 12 -8.42 -32.14 -22.21
N ASP A 13 -8.28 -30.88 -22.65
CA ASP A 13 -7.14 -30.06 -22.30
C ASP A 13 -7.21 -29.57 -20.84
N LEU A 14 -6.15 -28.90 -20.40
CA LEU A 14 -6.12 -28.29 -19.07
C LEU A 14 -6.62 -26.86 -19.12
N ILE A 15 -7.84 -26.64 -18.62
CA ILE A 15 -8.49 -25.34 -18.70
C ILE A 15 -8.51 -24.63 -17.34
N VAL A 16 -8.11 -23.36 -17.34
CA VAL A 16 -8.02 -22.59 -16.11
C VAL A 16 -9.33 -22.58 -15.32
N ASP A 17 -9.25 -22.99 -14.06
CA ASP A 17 -10.39 -23.07 -13.15
C ASP A 17 -11.45 -24.11 -13.54
N ALA A 18 -11.07 -25.06 -14.39
CA ALA A 18 -11.94 -26.18 -14.70
C ALA A 18 -11.77 -27.29 -13.66
N VAL A 19 -12.83 -28.03 -13.40
CA VAL A 19 -12.79 -29.03 -12.34
C VAL A 19 -12.63 -30.44 -12.90
N TYR A 20 -11.60 -31.13 -12.41
CA TYR A 20 -11.28 -32.47 -12.86
C TYR A 20 -11.44 -33.43 -11.69
N ALA A 21 -12.48 -34.27 -11.77
CA ALA A 21 -12.87 -35.14 -10.67
C ALA A 21 -12.44 -36.58 -10.91
N GLY A 22 -12.21 -37.30 -9.80
CA GLY A 22 -11.90 -38.71 -9.88
C GLY A 22 -13.17 -39.54 -10.03
N TYR A 23 -12.99 -40.85 -10.23
CA TYR A 23 -14.11 -41.76 -10.40
C TYR A 23 -13.83 -43.06 -9.66
N LYS A 24 -14.88 -43.79 -9.31
CA LYS A 24 -14.72 -45.07 -8.62
C LYS A 24 -14.40 -46.20 -9.60
N THR A 25 -13.33 -46.94 -9.30
CA THR A 25 -12.89 -48.03 -10.16
C THR A 25 -13.27 -49.41 -9.63
N GLU A 26 -12.61 -49.87 -8.57
CA GLU A 26 -12.92 -51.14 -7.94
C GLU A 26 -12.83 -51.09 -6.41
N ARG A 27 -13.91 -51.50 -5.76
CA ARG A 27 -13.95 -51.69 -4.30
C ARG A 27 -13.41 -50.53 -3.46
N GLY A 28 -14.09 -49.39 -3.51
CA GLY A 28 -13.73 -48.26 -2.68
C GLY A 28 -12.55 -47.46 -3.22
N GLY A 29 -11.85 -48.02 -4.20
CA GLY A 29 -10.71 -47.36 -4.79
C GLY A 29 -11.11 -46.15 -5.59
N MET A 30 -10.54 -45.00 -5.25
CA MET A 30 -10.84 -43.76 -5.95
C MET A 30 -9.69 -43.43 -6.91
N ALA A 31 -10.01 -43.36 -8.19
CA ALA A 31 -9.01 -43.03 -9.20
C ALA A 31 -8.68 -41.55 -9.15
N ASP A 32 -7.38 -41.25 -9.04
CA ASP A 32 -6.90 -39.87 -9.05
C ASP A 32 -6.92 -39.35 -10.49
N PRO A 33 -7.59 -38.21 -10.72
CA PRO A 33 -7.78 -37.66 -12.07
C PRO A 33 -6.50 -37.13 -12.71
N LEU A 34 -5.52 -36.77 -11.87
CA LEU A 34 -4.25 -36.27 -12.37
C LEU A 34 -3.42 -37.34 -13.06
N VAL A 35 -3.78 -38.61 -12.87
CA VAL A 35 -3.06 -39.68 -13.57
C VAL A 35 -3.40 -39.74 -15.06
N PRO A 36 -4.69 -39.84 -15.41
CA PRO A 36 -4.98 -39.74 -16.85
C PRO A 36 -4.85 -38.30 -17.38
N LEU A 37 -5.10 -37.29 -16.55
CA LEU A 37 -5.02 -35.91 -17.03
C LEU A 37 -3.59 -35.44 -17.29
N VAL A 38 -2.65 -35.89 -16.46
CA VAL A 38 -1.29 -35.34 -16.52
C VAL A 38 -0.23 -36.41 -16.79
N GLY A 39 -0.36 -37.55 -16.12
CA GLY A 39 0.60 -38.63 -16.27
C GLY A 39 1.52 -38.77 -15.07
N VAL A 40 1.25 -38.00 -14.03
CA VAL A 40 2.00 -38.11 -12.78
C VAL A 40 1.46 -39.27 -11.97
N SER A 41 2.09 -39.56 -10.83
CA SER A 41 1.61 -40.62 -9.95
C SER A 41 0.36 -40.19 -9.18
N ARG A 42 -0.11 -41.08 -8.32
CA ARG A 42 -1.40 -40.88 -7.66
C ARG A 42 -1.27 -40.32 -6.25
N GLN A 43 -0.03 -40.11 -5.80
CA GLN A 43 0.22 -39.91 -4.37
C GLN A 43 0.38 -38.48 -3.85
N GLY A 44 1.50 -37.85 -4.16
CA GLY A 44 1.93 -36.66 -3.45
C GLY A 44 1.07 -35.41 -3.49
N GLY A 45 1.32 -34.52 -2.52
CA GLY A 45 0.76 -33.18 -2.56
C GLY A 45 1.49 -32.40 -3.63
N PHE A 46 2.74 -32.78 -3.87
CA PHE A 46 3.46 -32.35 -5.06
C PHE A 46 3.92 -33.59 -5.82
N ARG A 47 3.73 -33.59 -7.14
CA ARG A 47 4.05 -34.73 -7.98
C ARG A 47 4.84 -34.31 -9.19
N TYR A 48 5.84 -35.10 -9.57
CA TYR A 48 6.63 -34.80 -10.75
C TYR A 48 6.76 -36.01 -11.68
N ARG A 49 7.25 -35.73 -12.89
CA ARG A 49 7.61 -36.79 -13.83
C ARG A 49 9.10 -36.66 -14.09
N GLY A 50 9.72 -37.76 -14.51
CA GLY A 50 11.16 -37.80 -14.65
C GLY A 50 11.80 -38.12 -13.32
N THR A 51 13.05 -37.67 -13.14
CA THR A 51 13.76 -37.89 -11.89
C THR A 51 13.73 -36.62 -11.07
N ARG A 52 14.18 -36.68 -9.81
CA ARG A 52 14.20 -35.47 -9.03
CA ARG A 52 14.29 -35.50 -8.95
C ARG A 52 15.36 -34.57 -9.48
N GLU A 53 16.46 -35.17 -9.91
CA GLU A 53 17.62 -34.43 -10.40
C GLU A 53 17.27 -33.65 -11.66
N ARG A 54 16.55 -34.30 -12.58
CA ARG A 54 16.08 -33.66 -13.80
C ARG A 54 14.59 -33.93 -14.02
N PRO A 55 13.73 -33.18 -13.30
CA PRO A 55 12.28 -33.35 -13.48
C PRO A 55 11.81 -32.78 -14.82
N THR A 56 10.95 -33.50 -15.50
CA THR A 56 10.43 -33.07 -16.80
C THR A 56 9.19 -32.20 -16.65
N LEU A 57 8.42 -32.48 -15.61
CA LEU A 57 7.18 -31.76 -15.35
C LEU A 57 6.87 -31.79 -13.84
N LEU A 58 6.36 -30.68 -13.31
CA LEU A 58 6.04 -30.62 -11.88
C LEU A 58 4.60 -30.19 -11.59
N VAL A 59 3.89 -31.03 -10.84
CA VAL A 59 2.50 -30.73 -10.46
C VAL A 59 2.38 -30.38 -8.97
N LEU A 60 1.95 -29.16 -8.67
CA LEU A 60 1.76 -28.72 -7.28
C LEU A 60 0.29 -28.65 -6.93
N THR A 61 -0.10 -29.37 -5.87
CA THR A 61 -1.48 -29.32 -5.41
C THR A 61 -1.55 -28.63 -4.04
N SER A 62 -2.70 -28.02 -3.75
CA SER A 62 -2.88 -27.34 -2.48
C SER A 62 -4.32 -27.42 -2.00
N ASN A 63 -4.50 -27.54 -0.69
CA ASN A 63 -5.82 -27.65 -0.08
C ASN A 63 -6.42 -26.26 0.19
N LEU A 64 -5.54 -25.32 0.54
CA LEU A 64 -5.94 -23.97 0.95
C LEU A 64 -6.83 -24.02 2.19
N ALA A 65 -6.78 -25.14 2.91
CA ALA A 65 -7.54 -25.32 4.14
C ALA A 65 -6.58 -25.32 5.32
N GLU A 66 -5.29 -25.25 5.02
CA GLU A 66 -4.25 -25.31 6.03
C GLU A 66 -3.89 -23.94 6.58
N PRO A 67 -4.24 -23.68 7.84
CA PRO A 67 -3.91 -22.42 8.49
C PRO A 67 -2.44 -22.38 8.92
N GLU A 68 -1.85 -23.55 9.14
CA GLU A 68 -0.45 -23.64 9.54
C GLU A 68 0.47 -23.20 8.40
N TRP A 69 0.20 -23.69 7.19
CA TRP A 69 0.98 -23.31 6.01
C TRP A 69 0.07 -22.70 4.95
N PRO A 70 -0.15 -21.39 5.03
CA PRO A 70 -1.18 -20.68 4.26
C PRO A 70 -0.83 -20.52 2.78
N ASP A 71 -0.88 -21.60 2.02
CA ASP A 71 -0.73 -21.51 0.56
C ASP A 71 -1.83 -20.60 0.06
N GLN A 72 -1.53 -19.78 -0.93
CA GLN A 72 -2.60 -18.92 -1.45
C GLN A 72 -2.48 -18.54 -2.92
N LEU A 73 -3.63 -18.52 -3.60
CA LEU A 73 -3.67 -18.08 -4.98
C LEU A 73 -4.39 -16.74 -5.09
N ASP A 74 -3.61 -15.69 -5.32
CA ASP A 74 -4.17 -14.38 -5.58
C ASP A 74 -4.67 -14.29 -7.02
N GLU A 75 -5.97 -14.48 -7.21
CA GLU A 75 -6.59 -14.39 -8.53
C GLU A 75 -6.26 -13.07 -9.21
N THR A 76 -6.14 -12.02 -8.42
CA THR A 76 -5.94 -10.68 -8.94
C THR A 76 -4.61 -10.47 -9.66
N THR A 77 -3.54 -11.03 -9.11
CA THR A 77 -2.22 -10.80 -9.67
C THR A 77 -1.63 -12.08 -10.27
N GLY A 78 -2.32 -13.19 -10.06
CA GLY A 78 -1.85 -14.46 -10.57
C GLY A 78 -0.64 -14.96 -9.79
N THR A 79 -0.49 -14.47 -8.57
CA THR A 79 0.60 -14.92 -7.72
C THR A 79 0.17 -16.13 -6.90
N PHE A 80 1.02 -17.15 -6.87
CA PHE A 80 0.73 -18.34 -6.10
C PHE A 80 1.83 -18.58 -5.08
N ILE A 81 1.46 -18.53 -3.80
CA ILE A 81 2.39 -18.79 -2.70
C ILE A 81 2.26 -20.23 -2.22
N TYR A 82 3.39 -20.93 -2.22
CA TYR A 82 3.43 -22.36 -1.95
C TYR A 82 4.46 -22.69 -0.87
N TYR A 83 4.04 -23.37 0.18
CA TYR A 83 4.95 -23.72 1.27
C TYR A 83 5.53 -25.11 1.10
N GLY A 84 6.81 -25.25 1.43
CA GLY A 84 7.55 -26.49 1.24
C GLY A 84 7.07 -27.67 2.06
N ASP A 85 7.78 -28.78 1.95
CA ASP A 85 7.33 -30.04 2.51
C ASP A 85 8.04 -30.47 3.81
N ASN A 86 8.73 -29.54 4.46
CA ASN A 86 9.26 -29.79 5.80
C ASN A 86 8.38 -29.11 6.86
N ARG A 87 7.34 -29.82 7.28
CA ARG A 87 6.26 -29.20 8.02
C ARG A 87 6.26 -29.42 9.53
N HIS A 88 7.30 -30.10 10.02
CA HIS A 88 7.42 -30.37 11.45
C HIS A 88 8.89 -30.43 11.87
N PRO A 89 9.18 -30.20 13.16
CA PRO A 89 10.56 -30.24 13.69
C PRO A 89 11.24 -31.58 13.47
N GLY A 90 12.55 -31.60 13.58
CA GLY A 90 13.30 -32.84 13.61
C GLY A 90 14.25 -33.05 12.45
N ARG A 91 13.98 -32.37 11.34
CA ARG A 91 14.78 -32.52 10.14
C ARG A 91 15.17 -31.16 9.60
N LEU A 92 16.34 -31.08 8.96
CA LEU A 92 16.79 -29.85 8.33
C LEU A 92 15.93 -29.49 7.12
N LEU A 93 16.16 -28.29 6.59
CA LEU A 93 15.37 -27.72 5.49
C LEU A 93 15.20 -28.63 4.27
N HIS A 94 16.32 -29.15 3.75
CA HIS A 94 16.28 -29.90 2.50
C HIS A 94 16.09 -31.40 2.69
N ASP A 95 16.20 -31.86 3.92
CA ASP A 95 16.01 -33.29 4.21
C ASP A 95 14.53 -33.61 4.44
N THR A 96 13.87 -34.04 3.38
CA THR A 96 12.46 -34.42 3.44
C THR A 96 12.28 -35.77 2.76
N PRO A 97 11.24 -36.53 3.13
CA PRO A 97 11.04 -37.85 2.54
C PRO A 97 10.87 -37.86 1.01
N ARG A 98 10.10 -36.93 0.45
CA ARG A 98 9.90 -36.89 -1.00
C ARG A 98 10.67 -35.78 -1.70
N PHE A 99 11.55 -35.12 -0.97
CA PHE A 99 12.52 -34.15 -1.51
C PHE A 99 11.93 -32.89 -2.19
N GLY A 100 10.74 -32.47 -1.78
CA GLY A 100 10.13 -31.28 -2.34
C GLY A 100 10.95 -30.00 -2.19
N ASN A 101 11.58 -29.83 -1.03
CA ASN A 101 12.41 -28.67 -0.81
C ASN A 101 13.62 -28.67 -1.73
N GLN A 102 14.25 -29.84 -1.90
CA GLN A 102 15.38 -29.97 -2.82
C GLN A 102 14.97 -29.59 -4.24
N LEU A 103 13.79 -30.06 -4.64
CA LEU A 103 13.22 -29.71 -5.93
C LEU A 103 13.07 -28.20 -6.07
N LEU A 104 12.42 -27.57 -5.11
CA LEU A 104 12.21 -26.13 -5.12
C LEU A 104 13.54 -25.38 -5.26
N ARG A 105 14.51 -25.85 -4.47
CA ARG A 105 15.81 -25.22 -4.43
C ARG A 105 16.44 -25.31 -5.81
N GLN A 106 16.34 -26.48 -6.42
CA GLN A 106 16.98 -26.72 -7.71
C GLN A 106 16.33 -25.89 -8.82
N ILE A 107 15.00 -25.87 -8.83
CA ILE A 107 14.24 -25.06 -9.77
C ILE A 107 14.57 -23.57 -9.68
N PHE A 108 14.54 -23.02 -8.47
CA PHE A 108 14.89 -21.60 -8.31
C PHE A 108 16.35 -21.32 -8.62
N ASP A 109 17.20 -22.32 -8.36
CA ASP A 109 18.61 -22.28 -8.74
C ASP A 109 18.72 -22.09 -10.25
N TRP A 110 18.03 -22.95 -10.99
CA TRP A 110 18.07 -22.92 -12.46
C TRP A 110 17.53 -21.60 -12.97
N ALA A 111 16.34 -21.22 -12.52
CA ALA A 111 15.74 -19.95 -12.91
C ALA A 111 16.66 -18.77 -12.66
N HIS A 112 17.42 -18.81 -11.57
CA HIS A 112 18.29 -17.68 -11.23
C HIS A 112 19.66 -17.70 -11.91
N LEU A 113 20.10 -18.89 -12.32
CA LEU A 113 21.43 -19.05 -12.89
C LEU A 113 21.48 -18.90 -14.42
N GLY A 114 20.34 -18.65 -15.04
CA GLY A 114 20.29 -18.44 -16.47
C GLY A 114 20.12 -19.73 -17.27
N GLN A 115 19.60 -20.74 -16.60
CA GLN A 115 19.31 -22.02 -17.23
C GLN A 115 17.85 -22.37 -17.07
N ARG A 116 16.99 -21.70 -17.85
CA ARG A 116 15.55 -21.90 -17.71
C ARG A 116 15.02 -23.09 -18.48
N HIS A 117 15.87 -23.66 -19.34
CA HIS A 117 15.47 -24.80 -20.14
C HIS A 117 15.33 -26.08 -19.31
N LEU A 118 15.96 -26.08 -18.14
CA LEU A 118 15.89 -27.23 -17.23
C LEU A 118 14.65 -27.16 -16.35
N VAL A 119 14.13 -25.95 -16.17
CA VAL A 119 12.94 -25.77 -15.35
C VAL A 119 11.72 -26.43 -15.98
N PRO A 120 11.10 -27.36 -15.24
CA PRO A 120 9.92 -28.06 -15.76
C PRO A 120 8.69 -27.18 -15.65
N PRO A 121 7.73 -27.37 -16.56
CA PRO A 121 6.42 -26.71 -16.44
C PRO A 121 5.77 -27.02 -15.10
N ILE A 122 5.35 -25.98 -14.39
CA ILE A 122 4.69 -26.13 -13.11
C ILE A 122 3.19 -26.03 -13.29
N LEU A 123 2.48 -27.13 -13.01
CA LEU A 123 1.03 -27.14 -13.12
C LEU A 123 0.38 -27.06 -11.74
N VAL A 124 -0.29 -25.95 -11.47
CA VAL A 124 -0.94 -25.73 -10.17
C VAL A 124 -2.37 -26.26 -10.13
N PHE A 125 -2.68 -27.04 -9.09
CA PHE A 125 -4.04 -27.51 -8.85
C PHE A 125 -4.43 -27.21 -7.41
N THR A 126 -5.72 -26.97 -7.17
CA THR A 126 -6.22 -26.85 -5.79
C THR A 126 -7.37 -27.83 -5.57
N THR A 127 -7.40 -28.47 -4.41
CA THR A 127 -8.43 -29.45 -4.13
C THR A 127 -9.77 -28.81 -3.81
N GLU A 128 -10.83 -29.30 -4.46
CA GLU A 128 -12.19 -28.90 -4.12
C GLU A 128 -12.67 -29.75 -2.95
N ALA A 129 -11.99 -30.87 -2.75
CA ALA A 129 -12.19 -31.75 -1.59
C ALA A 129 -13.57 -32.41 -1.50
N THR A 130 -14.18 -32.68 -2.65
CA THR A 130 -15.35 -33.56 -2.70
C THR A 130 -14.89 -34.92 -3.24
N GLY A 131 -14.62 -35.84 -2.33
CA GLY A 131 -13.89 -37.04 -2.70
C GLY A 131 -12.51 -36.60 -3.12
N ARG A 132 -12.10 -36.98 -4.33
CA ARG A 132 -10.82 -36.53 -4.87
C ARG A 132 -11.01 -35.76 -6.18
N THR A 133 -11.06 -34.43 -6.07
CA THR A 133 -11.21 -33.59 -7.25
C THR A 133 -10.24 -32.41 -7.20
N PHE A 134 -9.88 -31.90 -8.38
CA PHE A 134 -8.92 -30.80 -8.45
C PHE A 134 -9.35 -29.74 -9.44
N ARG A 135 -9.26 -28.48 -9.03
CA ARG A 135 -9.45 -27.36 -9.94
C ARG A 135 -8.09 -26.88 -10.45
N PHE A 136 -7.91 -26.92 -11.77
CA PHE A 136 -6.67 -26.45 -12.38
C PHE A 136 -6.59 -24.94 -12.30
N ARG A 137 -5.51 -24.44 -11.72
CA ARG A 137 -5.38 -23.01 -11.44
C ARG A 137 -4.51 -22.28 -12.44
N GLY A 138 -3.70 -23.04 -13.19
CA GLY A 138 -2.88 -22.45 -14.22
C GLY A 138 -1.49 -23.05 -14.37
N LEU A 139 -0.77 -22.55 -15.37
CA LEU A 139 0.61 -22.94 -15.61
C LEU A 139 1.47 -21.83 -15.02
N ALA A 140 2.50 -22.20 -14.28
CA ALA A 140 3.23 -21.20 -13.51
C ALA A 140 4.74 -21.21 -13.72
N VAL A 141 5.37 -20.07 -13.44
CA VAL A 141 6.82 -19.95 -13.49
C VAL A 141 7.36 -19.45 -12.15
N PRO A 142 8.61 -19.79 -11.81
CA PRO A 142 9.23 -19.30 -10.59
C PRO A 142 9.39 -17.79 -10.59
N GLY A 143 9.18 -17.17 -9.44
CA GLY A 143 9.40 -15.74 -9.29
C GLY A 143 8.16 -14.92 -9.53
N SER A 144 8.35 -13.60 -9.53
CA SER A 144 7.26 -12.66 -9.77
C SER A 144 7.85 -11.36 -10.31
N PRO A 145 7.10 -10.67 -11.18
CA PRO A 145 7.52 -9.35 -11.66
C PRO A 145 7.41 -8.26 -10.59
N ALA A 146 6.80 -8.55 -9.44
CA ALA A 146 6.64 -7.54 -8.39
C ALA A 146 7.56 -7.73 -7.20
N LEU A 147 8.32 -8.82 -7.18
CA LEU A 147 9.20 -9.11 -6.05
C LEU A 147 10.66 -8.85 -6.35
N ALA A 148 11.41 -8.59 -5.30
CA ALA A 148 12.87 -8.52 -5.40
C ALA A 148 13.38 -9.91 -5.76
N ALA A 149 14.53 -9.96 -6.43
CA ALA A 149 15.09 -11.22 -6.89
C ALA A 149 15.31 -12.21 -5.76
N THR A 150 15.84 -11.71 -4.64
CA THR A 150 16.21 -12.57 -3.52
C THR A 150 15.03 -13.10 -2.71
N GLU A 151 13.85 -12.54 -2.94
CA GLU A 151 12.71 -12.87 -2.09
C GLU A 151 11.69 -13.83 -2.71
N ASP A 152 12.08 -14.52 -3.78
CA ASP A 152 11.15 -15.44 -4.45
C ASP A 152 11.14 -16.84 -3.85
N LEU A 153 12.24 -17.24 -3.22
CA LEU A 153 12.28 -18.48 -2.48
C LEU A 153 13.01 -18.24 -1.15
N VAL A 154 12.27 -18.28 -0.04
CA VAL A 154 12.87 -17.95 1.26
C VAL A 154 12.68 -19.05 2.29
N ALA A 155 13.64 -19.17 3.20
CA ALA A 155 13.50 -20.12 4.31
C ALA A 155 13.02 -19.42 5.59
N LEU A 156 11.88 -19.87 6.09
CA LEU A 156 11.28 -19.33 7.28
C LEU A 156 11.56 -20.24 8.47
N TRP A 157 11.64 -19.64 9.65
CA TRP A 157 11.70 -20.41 10.88
C TRP A 157 10.29 -20.58 11.45
N LYS A 158 9.91 -21.82 11.71
CA LYS A 158 8.64 -22.14 12.32
C LYS A 158 8.89 -22.64 13.74
N THR A 159 7.95 -22.29 14.63
CA THR A 159 8.00 -22.72 16.02
C THR A 159 6.75 -23.55 16.33
N THR A 160 6.94 -24.83 16.57
CA THR A 160 5.83 -25.69 16.99
C THR A 160 6.22 -26.57 18.16
N GLU A 161 5.49 -26.41 19.26
CA GLU A 161 5.71 -27.20 20.48
C GLU A 161 7.17 -27.22 20.93
N GLY A 162 7.73 -26.03 21.11
CA GLY A 162 9.02 -25.87 21.74
C GLY A 162 10.24 -26.10 20.85
N GLN A 163 10.00 -26.27 19.55
CA GLN A 163 11.12 -26.50 18.63
C GLN A 163 11.13 -25.54 17.44
N ARG A 164 12.33 -25.33 16.88
CA ARG A 164 12.51 -24.41 15.77
C ARG A 164 13.00 -25.14 14.50
N PHE A 165 12.24 -25.03 13.42
CA PHE A 165 12.62 -25.71 12.18
C PHE A 165 12.37 -24.88 10.93
N GLN A 166 13.20 -25.06 9.91
CA GLN A 166 13.10 -24.27 8.68
C GLN A 166 12.23 -24.90 7.60
N ASN A 167 11.50 -24.05 6.89
CA ASN A 167 10.69 -24.50 5.76
C ASN A 167 10.64 -23.44 4.66
N TYR A 168 10.41 -23.87 3.43
CA TYR A 168 10.44 -22.96 2.29
C TYR A 168 9.11 -22.28 2.05
N LYS A 169 9.17 -21.00 1.74
CA LYS A 169 8.05 -20.30 1.13
C LYS A 169 8.49 -19.90 -0.27
N ALA A 170 7.77 -20.43 -1.25
CA ALA A 170 8.10 -20.23 -2.66
C ALA A 170 7.03 -19.39 -3.34
N VAL A 171 7.47 -18.44 -4.16
CA VAL A 171 6.55 -17.61 -4.92
C VAL A 171 6.58 -18.00 -6.41
N PHE A 172 5.41 -18.31 -6.95
CA PHE A 172 5.26 -18.59 -8.37
C PHE A 172 4.29 -17.58 -8.98
N THR A 173 4.30 -17.47 -10.30
CA THR A 173 3.32 -16.65 -10.99
C THR A 173 2.63 -17.47 -12.10
N ILE A 174 1.31 -17.48 -12.07
CA ILE A 174 0.51 -18.10 -13.12
C ILE A 174 0.60 -17.29 -14.42
N LEU A 175 1.08 -17.92 -15.48
CA LEU A 175 1.19 -17.29 -16.80
C LEU A 175 -0.17 -17.07 -17.43
N ASP A 176 -0.30 -16.02 -18.25
CA ASP A 176 -1.55 -15.72 -18.94
C ASP A 176 -1.84 -16.66 -20.10
N GLU A 177 -2.40 -17.84 -19.79
CA GLU A 177 -2.84 -18.80 -20.79
C GLU A 177 -4.13 -19.45 -20.31
N ALA A 178 -5.18 -19.40 -21.12
CA ALA A 178 -6.46 -19.96 -20.73
C ALA A 178 -6.51 -21.48 -20.89
N VAL A 179 -5.79 -22.00 -21.88
CA VAL A 179 -5.80 -23.44 -22.14
C VAL A 179 -4.40 -24.01 -22.34
N ILE A 180 -4.08 -25.04 -21.57
CA ILE A 180 -2.81 -25.74 -21.71
C ILE A 180 -3.04 -27.08 -22.39
N PRO A 181 -2.48 -27.26 -23.60
CA PRO A 181 -2.66 -28.47 -24.39
C PRO A 181 -2.15 -29.68 -23.63
N ARG A 182 -2.98 -30.71 -23.45
CA ARG A 182 -2.52 -31.92 -22.80
C ARG A 182 -1.49 -32.67 -23.64
N ALA A 183 -1.54 -32.46 -24.96
CA ALA A 183 -0.52 -32.98 -25.86
C ALA A 183 0.87 -32.48 -25.45
N TRP A 184 0.97 -31.18 -25.17
CA TRP A 184 2.22 -30.57 -24.73
C TRP A 184 2.66 -31.10 -23.38
N VAL A 185 1.70 -31.20 -22.48
CA VAL A 185 1.97 -31.68 -21.13
C VAL A 185 2.57 -33.08 -21.16
N HIS A 186 1.89 -33.99 -21.86
CA HIS A 186 2.36 -35.37 -21.95
C HIS A 186 3.64 -35.52 -22.77
N ALA A 187 3.81 -34.69 -23.80
CA ALA A 187 5.04 -34.70 -24.58
C ALA A 187 6.25 -34.29 -23.74
N VAL A 188 6.18 -33.12 -23.11
CA VAL A 188 7.24 -32.64 -22.23
C VAL A 188 7.47 -33.63 -21.10
N GLY A 189 6.37 -34.24 -20.64
CA GLY A 189 6.40 -35.20 -19.56
C GLY A 189 7.16 -36.46 -19.92
N ARG A 190 7.10 -36.85 -21.19
CA ARG A 190 7.83 -38.02 -21.66
C ARG A 190 9.26 -37.65 -22.06
N GLY A 191 9.61 -36.38 -21.89
CA GLY A 191 10.95 -35.90 -22.18
C GLY A 191 11.14 -35.39 -23.59
N GLU A 192 10.05 -35.34 -24.36
CA GLU A 192 10.13 -34.91 -25.74
C GLU A 192 10.29 -33.40 -25.85
N THR A 193 10.82 -32.95 -26.99
CA THR A 193 10.84 -31.53 -27.32
C THR A 193 9.54 -31.22 -28.05
N SER A 194 8.97 -30.04 -27.82
CA SER A 194 7.65 -29.75 -28.37
C SER A 194 7.51 -28.30 -28.83
N GLY A 195 6.63 -28.09 -29.81
CA GLY A 195 6.36 -26.77 -30.32
C GLY A 195 4.94 -26.35 -30.01
N LEU A 196 4.29 -27.10 -29.12
CA LEU A 196 2.95 -26.75 -28.67
C LEU A 196 2.99 -25.93 -27.38
N ALA A 197 4.16 -25.44 -27.03
CA ALA A 197 4.33 -24.62 -25.83
C ALA A 197 3.55 -23.32 -25.96
N PRO A 198 2.80 -22.96 -24.91
CA PRO A 198 2.08 -21.67 -24.87
C PRO A 198 3.04 -20.50 -25.09
N VAL A 199 2.53 -19.42 -25.66
CA VAL A 199 3.37 -18.28 -26.02
C VAL A 199 4.05 -17.70 -24.79
N ALA A 200 3.31 -17.56 -23.71
CA ALA A 200 3.85 -17.00 -22.46
C ALA A 200 5.02 -17.83 -21.93
N TRP A 201 4.91 -19.16 -22.09
CA TRP A 201 5.98 -20.05 -21.67
C TRP A 201 7.25 -19.85 -22.50
N ASN A 202 7.11 -19.84 -23.83
CA ASN A 202 8.28 -19.63 -24.70
C ASN A 202 8.91 -18.28 -24.44
N ALA A 203 8.06 -17.28 -24.23
CA ALA A 203 8.50 -15.93 -23.91
C ALA A 203 9.35 -15.95 -22.63
N TRP A 204 8.85 -16.65 -21.62
CA TRP A 204 9.61 -16.76 -20.37
C TRP A 204 10.94 -17.48 -20.61
N LEU A 205 10.91 -18.50 -21.46
CA LEU A 205 12.12 -19.26 -21.76
C LEU A 205 13.20 -18.40 -22.40
N SER A 206 12.81 -17.63 -23.42
CA SER A 206 13.78 -16.84 -24.17
C SER A 206 14.24 -15.58 -23.44
N ALA A 207 13.29 -14.82 -22.89
CA ALA A 207 13.61 -13.49 -22.37
C ALA A 207 13.67 -13.43 -20.85
N GLY A 208 13.04 -14.40 -20.19
CA GLY A 208 12.99 -14.42 -18.74
C GLY A 208 11.81 -13.63 -18.19
N GLY A 209 11.12 -12.92 -19.07
CA GLY A 209 10.02 -12.08 -18.66
C GLY A 209 8.76 -12.86 -18.31
N ILE A 210 7.92 -12.25 -17.48
CA ILE A 210 6.71 -12.91 -17.02
C ILE A 210 5.45 -12.12 -17.39
N ARG A 211 4.54 -12.77 -18.10
CA ARG A 211 3.23 -12.19 -18.38
C ARG A 211 2.20 -12.85 -17.48
N PRO A 212 1.81 -12.18 -16.39
CA PRO A 212 0.92 -12.75 -15.37
C PRO A 212 -0.54 -12.82 -15.81
N LEU A 213 -1.25 -13.83 -15.33
CA LEU A 213 -2.69 -13.93 -15.52
C LEU A 213 -3.35 -13.13 -14.40
N MET A 214 -3.79 -11.91 -14.72
CA MET A 214 -4.36 -11.02 -13.72
C MET A 214 -5.88 -10.95 -13.87
N ALA A 215 -6.59 -11.43 -12.85
CA ALA A 215 -8.04 -11.48 -12.89
C ALA A 215 -8.69 -10.78 -11.68
N PRO A 216 -8.74 -9.44 -11.71
CA PRO A 216 -9.30 -8.63 -10.63
C PRO A 216 -10.71 -9.07 -10.27
N ARG A 217 -11.03 -9.03 -8.98
CA ARG A 217 -12.32 -9.51 -8.49
C ARG A 217 -13.44 -8.54 -8.84
N SER A 218 -14.56 -9.09 -9.30
CA SER A 218 -15.77 -8.29 -9.45
C SER A 218 -16.27 -7.89 -8.06
N LEU A 219 -17.10 -6.85 -7.99
CA LEU A 219 -17.57 -6.32 -6.72
C LEU A 219 -18.26 -7.38 -5.86
N LEU A 220 -17.80 -7.51 -4.62
CA LEU A 220 -18.21 -8.61 -3.76
C LEU A 220 -18.89 -8.13 -2.49
N VAL A 221 -20.06 -8.69 -2.20
CA VAL A 221 -20.69 -8.48 -0.90
C VAL A 221 -20.66 -9.80 -0.13
N ARG A 222 -20.01 -9.79 1.02
CA ARG A 222 -19.89 -11.00 1.83
C ARG A 222 -21.16 -11.25 2.63
N SER A 223 -21.38 -12.52 2.98
CA SER A 223 -22.51 -12.89 3.82
C SER A 223 -22.09 -12.86 5.29
N LYS A 224 -23.03 -13.18 6.16
CA LYS A 224 -22.76 -13.22 7.59
C LYS A 224 -21.76 -14.33 7.91
N ALA A 225 -21.97 -15.49 7.32
CA ALA A 225 -21.15 -16.66 7.60
C ALA A 225 -19.70 -16.45 7.20
N GLU A 226 -19.50 -15.73 6.11
CA GLU A 226 -18.17 -15.49 5.57
C GLU A 226 -17.36 -14.53 6.43
N GLN A 227 -18.04 -13.59 7.06
CA GLN A 227 -17.38 -12.57 7.87
C GLN A 227 -17.08 -13.06 9.29
N LEU A 228 -17.87 -14.01 9.76
CA LEU A 228 -17.67 -14.58 11.09
C LEU A 228 -16.84 -15.87 10.99
N PRO A 229 -16.11 -16.20 12.07
CA PRO A 229 -15.31 -17.43 12.11
C PRO A 229 -16.17 -18.67 11.95
N ALA A 230 -15.60 -19.73 11.37
CA ALA A 230 -16.33 -20.97 11.18
C ALA A 230 -16.20 -21.89 12.39
N THR A 231 -14.97 -22.30 12.69
CA THR A 231 -14.69 -23.20 13.80
C THR A 231 -14.96 -22.51 15.15
N PRO A 232 -15.26 -23.30 16.19
CA PRO A 232 -15.47 -22.74 17.53
C PRO A 232 -14.20 -22.15 18.18
N GLU A 233 -13.03 -22.65 17.78
CA GLU A 233 -11.77 -22.18 18.36
C GLU A 233 -11.50 -20.70 18.04
N ASP A 234 -11.63 -20.36 16.76
CA ASP A 234 -11.47 -18.98 16.32
C ASP A 234 -12.50 -18.08 16.99
N GLN A 235 -13.72 -18.62 17.15
CA GLN A 235 -14.79 -17.91 17.85
C GLN A 235 -14.36 -17.58 19.27
N ALA A 236 -13.73 -18.55 19.93
CA ALA A 236 -13.19 -18.33 21.27
C ALA A 236 -12.13 -17.23 21.23
N LEU A 237 -11.29 -17.26 20.20
CA LEU A 237 -10.27 -16.24 20.01
C LEU A 237 -10.85 -14.82 19.96
N ILE A 238 -11.88 -14.62 19.14
CA ILE A 238 -12.53 -13.31 19.04
C ILE A 238 -13.22 -12.95 20.34
N GLU A 239 -13.78 -13.96 21.00
CA GLU A 239 -14.46 -13.76 22.27
C GLU A 239 -13.51 -13.23 23.34
N VAL A 240 -12.27 -13.72 23.35
CA VAL A 240 -11.27 -13.21 24.29
C VAL A 240 -11.10 -11.70 24.11
N ILE A 241 -11.06 -11.27 22.85
CA ILE A 241 -10.96 -9.85 22.54
C ILE A 241 -12.17 -9.07 23.03
N ARG A 242 -13.37 -9.54 22.68
CA ARG A 242 -14.61 -8.90 23.15
C ARG A 242 -14.65 -8.76 24.67
N GLN A 243 -14.11 -9.76 25.36
CA GLN A 243 -14.07 -9.74 26.81
C GLN A 243 -13.03 -8.77 27.36
N ARG A 244 -11.91 -8.64 26.65
CA ARG A 244 -10.84 -7.76 27.12
C ARG A 244 -11.28 -6.29 27.23
N TYR A 245 -12.20 -5.87 26.36
CA TYR A 245 -12.55 -4.45 26.31
C TYR A 245 -13.96 -4.10 26.78
N LYS A 246 -14.59 -5.02 27.51
CA LYS A 246 -15.93 -4.81 28.05
C LYS A 246 -15.96 -3.73 29.12
N GLU A 247 -14.85 -3.57 29.85
CA GLU A 247 -14.77 -2.57 30.91
C GLU A 247 -14.21 -1.24 30.41
N ASN A 248 -13.63 -1.26 29.22
CA ASN A 248 -13.02 -0.06 28.63
C ASN A 248 -13.16 -0.11 27.11
N PRO A 249 -14.34 0.23 26.59
CA PRO A 249 -14.64 0.07 25.17
C PRO A 249 -13.67 0.82 24.27
N PHE A 250 -13.37 2.07 24.61
CA PHE A 250 -12.50 2.89 23.77
C PHE A 250 -11.12 2.26 23.57
N GLY A 251 -10.67 1.52 24.58
CA GLY A 251 -9.39 0.82 24.49
C GLY A 251 -9.29 -0.08 23.29
N PHE A 252 -10.43 -0.61 22.85
CA PHE A 252 -10.45 -1.49 21.68
C PHE A 252 -9.86 -0.81 20.45
N GLU A 253 -10.05 0.51 20.35
CA GLU A 253 -9.47 1.28 19.25
C GLU A 253 -7.97 0.99 19.12
N ALA A 254 -7.27 0.99 20.26
CA ALA A 254 -5.85 0.67 20.27
C ALA A 254 -5.63 -0.67 19.59
N CYS A 255 -6.37 -1.67 20.04
CA CYS A 255 -6.30 -3.00 19.45
C CYS A 255 -6.53 -2.92 17.94
N ALA A 256 -7.55 -2.17 17.54
CA ALA A 256 -7.88 -2.03 16.13
C ALA A 256 -6.64 -1.52 15.42
N GLY A 257 -6.05 -0.47 15.98
CA GLY A 257 -4.84 0.13 15.43
C GLY A 257 -3.78 -0.94 15.19
N ALA A 258 -3.55 -1.79 16.19
CA ALA A 258 -2.53 -2.81 16.07
C ALA A 258 -2.86 -3.71 14.88
N LEU A 259 -4.12 -4.15 14.82
CA LEU A 259 -4.56 -5.01 13.74
C LEU A 259 -4.36 -4.29 12.40
N THR A 260 -4.63 -2.99 12.40
CA THR A 260 -4.46 -2.20 11.19
C THR A 260 -3.01 -2.29 10.72
N ARG A 261 -2.07 -2.16 11.65
CA ARG A 261 -0.66 -2.18 11.27
C ARG A 261 -0.31 -3.51 10.61
N LEU A 262 -1.04 -4.58 10.97
CA LEU A 262 -0.76 -5.89 10.41
C LEU A 262 -1.37 -5.96 9.03
N LEU A 263 -2.55 -5.36 8.88
CA LEU A 263 -3.30 -5.42 7.64
C LEU A 263 -2.68 -4.57 6.52
N LEU A 264 -1.99 -3.49 6.90
CA LEU A 264 -1.62 -2.41 5.98
C LEU A 264 -0.13 -2.29 5.67
N PRO A 265 0.19 -1.89 4.43
CA PRO A 265 1.49 -2.02 3.78
C PRO A 265 2.62 -1.11 4.29
N ASP A 266 2.42 -0.50 5.44
CA ASP A 266 3.45 0.32 6.06
C ASP A 266 3.61 -0.28 7.44
N VAL A 267 3.90 0.59 8.39
CA VAL A 267 3.44 0.41 9.74
C VAL A 267 2.67 1.73 9.80
N ALA A 268 1.34 1.68 9.90
CA ALA A 268 0.58 2.93 9.82
C ALA A 268 0.96 3.80 11.00
N ARG A 269 1.09 5.11 10.76
CA ARG A 269 1.21 6.05 11.86
C ARG A 269 -0.16 6.21 12.50
N LEU A 270 -0.21 6.29 13.81
CA LEU A 270 -1.51 6.30 14.48
C LEU A 270 -1.71 7.46 15.46
N ASP A 271 -2.79 8.21 15.26
CA ASP A 271 -3.25 9.20 16.22
C ASP A 271 -4.64 8.76 16.65
N LEU A 272 -4.72 8.11 17.80
CA LEU A 272 -5.97 7.53 18.27
C LEU A 272 -6.74 8.45 19.20
N THR A 273 -6.07 9.51 19.66
CA THR A 273 -6.61 10.41 20.65
C THR A 273 -7.00 11.76 20.06
N ARG A 274 -8.19 11.81 19.47
CA ARG A 274 -8.71 13.01 18.84
C ARG A 274 -10.20 13.16 19.10
N PRO A 275 -10.57 14.02 20.06
CA PRO A 275 -11.97 14.30 20.41
C PRO A 275 -12.81 14.65 19.17
N TRP A 276 -13.93 13.97 19.02
CA TRP A 276 -14.82 14.24 17.90
C TRP A 276 -16.18 14.78 18.39
N ARG A 277 -16.99 15.25 17.45
CA ARG A 277 -18.23 15.97 17.76
C ARG A 277 -19.28 15.20 18.56
N ASP A 278 -19.35 13.88 18.40
CA ASP A 278 -20.36 13.10 19.09
C ASP A 278 -19.94 12.62 20.48
N GLY A 279 -18.82 13.15 20.97
CA GLY A 279 -18.31 12.76 22.28
C GLY A 279 -17.32 11.61 22.20
N GLY A 280 -17.30 10.93 21.06
CA GLY A 280 -16.35 9.86 20.84
C GLY A 280 -15.02 10.41 20.35
N ARG A 281 -14.15 9.52 19.88
CA ARG A 281 -12.88 9.93 19.31
C ARG A 281 -12.84 9.77 17.79
N ASP A 282 -11.97 10.54 17.15
CA ASP A 282 -11.76 10.46 15.70
C ASP A 282 -10.35 9.94 15.42
N GLY A 283 -10.19 8.62 15.46
CA GLY A 283 -8.89 8.02 15.22
C GLY A 283 -8.46 8.14 13.78
N ILE A 284 -7.23 8.60 13.55
CA ILE A 284 -6.71 8.69 12.19
C ILE A 284 -5.36 8.04 12.03
N GLY A 285 -5.01 7.72 10.80
CA GLY A 285 -3.76 7.07 10.47
C GLY A 285 -3.07 7.66 9.26
N ARG A 286 -1.76 7.44 9.18
CA ARG A 286 -0.98 7.86 8.02
C ARG A 286 -0.29 6.65 7.38
N LEU A 287 -0.39 6.56 6.06
CA LEU A 287 0.12 5.42 5.31
C LEU A 287 1.03 5.88 4.18
N ARG A 288 2.14 5.18 3.98
CA ARG A 288 3.05 5.53 2.90
C ARG A 288 2.84 4.57 1.74
N ILE A 289 2.77 5.13 0.53
CA ILE A 289 2.62 4.33 -0.67
C ILE A 289 3.86 4.58 -1.52
N GLY A 290 4.57 3.50 -1.84
CA GLY A 290 5.82 3.60 -2.58
C GLY A 290 7.02 3.24 -1.74
N GLN A 291 8.19 3.66 -2.18
CA GLN A 291 9.41 3.41 -1.44
C GLN A 291 10.26 4.68 -1.44
N SER A 292 10.36 5.31 -0.27
CA SER A 292 11.16 6.53 -0.10
C SER A 292 12.56 6.33 -0.66
N PRO A 293 13.12 7.37 -1.30
CA PRO A 293 12.59 8.73 -1.46
C PRO A 293 11.37 8.89 -2.38
N ALA A 294 10.99 7.82 -3.07
CA ALA A 294 9.86 7.88 -4.00
C ALA A 294 8.58 7.31 -3.40
N ALA A 295 7.84 8.16 -2.69
CA ALA A 295 6.63 7.73 -2.01
C ALA A 295 5.75 8.90 -1.61
N ILE A 296 4.48 8.64 -1.36
CA ILE A 296 3.60 9.67 -0.83
C ILE A 296 2.94 9.18 0.44
N GLU A 297 2.35 10.10 1.20
CA GLU A 297 1.56 9.72 2.36
C GLU A 297 0.10 10.00 2.11
N VAL A 298 -0.75 9.08 2.55
CA VAL A 298 -2.19 9.22 2.44
C VAL A 298 -2.76 9.02 3.84
N ASP A 299 -3.81 9.76 4.17
CA ASP A 299 -4.39 9.62 5.50
C ASP A 299 -5.65 8.76 5.45
N PHE A 300 -5.92 8.04 6.53
CA PHE A 300 -7.16 7.28 6.61
C PHE A 300 -7.84 7.45 7.96
N ALA A 301 -9.15 7.26 7.98
CA ALA A 301 -9.89 7.33 9.24
C ALA A 301 -10.15 5.91 9.76
N LEU A 302 -9.95 5.72 11.06
CA LEU A 302 -10.17 4.42 11.68
C LEU A 302 -11.49 4.41 12.46
N GLU A 303 -12.21 3.30 12.37
CA GLU A 303 -13.44 3.12 13.14
C GLU A 303 -13.44 1.71 13.69
N ALA A 304 -13.59 1.59 15.00
CA ALA A 304 -13.52 0.28 15.64
C ALA A 304 -14.79 -0.03 16.42
N LYS A 305 -15.48 -1.08 16.02
CA LYS A 305 -16.72 -1.47 16.67
C LYS A 305 -16.61 -2.82 17.34
N CYS A 306 -16.48 -2.81 18.66
CA CYS A 306 -16.40 -4.04 19.44
C CYS A 306 -17.80 -4.60 19.70
N TYR A 307 -18.24 -5.50 18.82
CA TYR A 307 -19.60 -6.05 18.89
C TYR A 307 -19.61 -7.56 19.11
N GLY A 308 -20.74 -8.06 19.61
CA GLY A 308 -20.98 -9.49 19.64
C GLY A 308 -21.48 -9.92 18.27
N ALA A 309 -21.31 -11.19 17.94
CA ALA A 309 -21.69 -11.71 16.64
C ALA A 309 -23.19 -11.59 16.36
N ASN A 310 -23.97 -11.45 17.42
CA ASN A 310 -25.42 -11.30 17.29
C ASN A 310 -25.83 -9.88 16.90
N ASN A 311 -24.89 -8.95 16.96
CA ASN A 311 -25.17 -7.55 16.66
C ASN A 311 -24.36 -7.07 15.47
N ALA A 312 -25.04 -6.84 14.36
CA ALA A 312 -24.37 -6.48 13.11
C ALA A 312 -23.89 -5.03 13.13
N VAL A 313 -22.92 -4.73 12.27
CA VAL A 313 -22.57 -3.34 12.01
C VAL A 313 -23.44 -2.84 10.87
N GLY A 314 -24.19 -1.77 11.14
CA GLY A 314 -25.18 -1.31 10.18
C GLY A 314 -24.87 0.02 9.52
N VAL A 315 -25.88 0.55 8.85
CA VAL A 315 -25.78 1.80 8.11
C VAL A 315 -25.29 2.98 8.96
N LYS A 316 -25.70 3.00 10.22
CA LYS A 316 -25.37 4.11 11.13
C LYS A 316 -23.87 4.18 11.42
N GLU A 317 -23.35 3.07 11.95
CA GLU A 317 -21.94 2.94 12.29
C GLU A 317 -21.05 3.27 11.11
N VAL A 318 -21.38 2.69 9.96
CA VAL A 318 -20.62 2.93 8.74
C VAL A 318 -20.70 4.39 8.34
N SER A 319 -21.89 4.98 8.44
CA SER A 319 -22.10 6.37 8.08
C SER A 319 -21.24 7.31 8.93
N ARG A 320 -20.99 6.93 10.18
CA ARG A 320 -20.03 7.70 10.98
C ARG A 320 -18.66 7.79 10.30
N LEU A 321 -18.12 6.63 9.92
CA LEU A 321 -16.82 6.54 9.25
C LEU A 321 -16.83 7.28 7.91
N ILE A 322 -17.91 7.11 7.16
CA ILE A 322 -18.07 7.76 5.87
C ILE A 322 -17.98 9.28 6.04
N SER A 323 -18.66 9.79 7.07
CA SER A 323 -18.62 11.21 7.35
C SER A 323 -17.24 11.63 7.82
N ARG A 324 -16.50 10.71 8.43
CA ARG A 324 -15.14 11.01 8.86
C ARG A 324 -14.06 10.91 7.78
N ILE A 325 -14.39 10.31 6.63
CA ILE A 325 -13.39 10.19 5.56
C ILE A 325 -13.53 11.24 4.47
N LYS A 326 -14.31 12.27 4.72
CA LYS A 326 -14.53 13.34 3.74
C LYS A 326 -13.23 13.92 3.21
N HIS A 327 -12.35 14.33 4.13
CA HIS A 327 -11.11 14.99 3.75
C HIS A 327 -9.92 14.04 3.74
N ARG A 328 -10.20 12.74 3.84
CA ARG A 328 -9.15 11.74 3.85
C ARG A 328 -9.32 10.75 2.71
N GLU A 329 -8.24 10.05 2.37
CA GLU A 329 -8.23 9.18 1.20
C GLU A 329 -9.13 7.97 1.38
N PHE A 330 -9.06 7.35 2.55
CA PHE A 330 -9.90 6.18 2.82
C PHE A 330 -10.20 5.95 4.30
N GLY A 331 -10.95 4.89 4.59
CA GLY A 331 -11.28 4.53 5.96
C GLY A 331 -11.16 3.04 6.21
N VAL A 332 -10.77 2.67 7.42
CA VAL A 332 -10.73 1.27 7.85
C VAL A 332 -11.73 1.05 8.96
N LEU A 333 -12.53 0.00 8.84
CA LEU A 333 -13.50 -0.36 9.88
C LEU A 333 -13.17 -1.73 10.41
N VAL A 334 -12.68 -1.77 11.66
CA VAL A 334 -12.40 -3.03 12.31
C VAL A 334 -13.55 -3.41 13.25
N THR A 335 -13.99 -4.65 13.17
CA THR A 335 -15.09 -5.10 14.02
C THR A 335 -14.95 -6.57 14.39
N THR A 336 -15.28 -6.88 15.65
CA THR A 336 -15.30 -8.26 16.12
C THR A 336 -16.61 -8.95 15.74
N SER A 337 -17.41 -8.30 14.92
CA SER A 337 -18.65 -8.87 14.41
C SER A 337 -18.67 -8.79 12.89
N TYR A 338 -19.87 -8.81 12.31
CA TYR A 338 -20.02 -8.72 10.87
C TYR A 338 -20.78 -7.46 10.45
N VAL A 339 -20.65 -7.08 9.19
CA VAL A 339 -21.39 -5.96 8.62
C VAL A 339 -22.60 -6.50 7.85
N ASP A 340 -23.80 -5.99 8.14
CA ASP A 340 -25.01 -6.53 7.55
C ASP A 340 -25.12 -6.27 6.05
N ARG A 341 -26.14 -6.87 5.43
CA ARG A 341 -26.35 -6.78 3.98
C ARG A 341 -26.50 -5.35 3.48
N GLN A 342 -27.41 -4.58 4.08
CA GLN A 342 -27.66 -3.22 3.63
C GLN A 342 -26.41 -2.33 3.63
N ALA A 343 -25.64 -2.37 4.70
CA ALA A 343 -24.45 -1.53 4.84
C ALA A 343 -23.35 -1.92 3.85
N TYR A 344 -23.10 -3.22 3.74
CA TYR A 344 -22.12 -3.75 2.80
C TYR A 344 -22.48 -3.33 1.38
N GLN A 345 -23.74 -3.57 1.04
CA GLN A 345 -24.27 -3.22 -0.28
C GLN A 345 -24.09 -1.74 -0.56
N GLU A 346 -24.43 -0.90 0.42
CA GLU A 346 -24.28 0.54 0.26
C GLU A 346 -22.82 0.91 0.00
N VAL A 347 -21.92 0.32 0.78
CA VAL A 347 -20.50 0.61 0.67
C VAL A 347 -19.90 0.19 -0.68
N THR A 348 -20.20 -1.02 -1.13
CA THR A 348 -19.67 -1.49 -2.40
C THR A 348 -20.29 -0.75 -3.59
N ASP A 349 -21.59 -0.49 -3.51
CA ASP A 349 -22.30 0.18 -4.61
C ASP A 349 -21.90 1.64 -4.77
N ASP A 350 -21.91 2.40 -3.67
CA ASP A 350 -21.58 3.82 -3.77
C ASP A 350 -20.08 4.06 -3.97
N GLY A 351 -19.30 2.98 -3.94
CA GLY A 351 -17.87 3.06 -4.18
C GLY A 351 -17.06 3.76 -3.11
N HIS A 352 -17.55 3.72 -1.87
CA HIS A 352 -16.82 4.29 -0.75
C HIS A 352 -15.49 3.58 -0.51
N PRO A 353 -14.40 4.35 -0.33
CA PRO A 353 -13.10 3.76 -0.08
C PRO A 353 -12.97 3.27 1.37
N VAL A 354 -13.75 2.26 1.73
CA VAL A 354 -13.78 1.77 3.11
C VAL A 354 -13.44 0.30 3.21
N ILE A 355 -12.36 -0.02 3.93
CA ILE A 355 -11.98 -1.40 4.18
C ILE A 355 -12.81 -1.97 5.32
N LEU A 356 -13.39 -3.14 5.10
CA LEU A 356 -14.22 -3.78 6.12
C LEU A 356 -13.53 -5.01 6.71
N THR A 357 -12.90 -4.81 7.86
CA THR A 357 -12.22 -5.89 8.57
C THR A 357 -13.17 -6.53 9.58
N THR A 358 -13.69 -7.70 9.24
CA THR A 358 -14.64 -8.40 10.11
C THR A 358 -13.93 -9.44 10.97
N ALA A 359 -14.73 -10.22 11.70
CA ALA A 359 -14.18 -11.17 12.67
C ALA A 359 -13.25 -12.21 12.05
N GLN A 360 -13.65 -12.77 10.91
CA GLN A 360 -12.82 -13.74 10.20
C GLN A 360 -11.48 -13.10 9.83
N ASP A 361 -11.54 -11.84 9.40
CA ASP A 361 -10.34 -11.11 9.03
C ASP A 361 -9.42 -10.92 10.23
N ILE A 362 -10.01 -10.62 11.39
CA ILE A 362 -9.22 -10.51 12.61
C ILE A 362 -8.56 -11.86 12.94
N VAL A 363 -9.30 -12.94 12.72
CA VAL A 363 -8.75 -14.27 12.94
C VAL A 363 -7.54 -14.53 12.06
N GLY A 364 -7.66 -14.18 10.77
CA GLY A 364 -6.56 -14.36 9.83
C GLY A 364 -5.34 -13.53 10.19
N LEU A 365 -5.56 -12.25 10.47
CA LEU A 365 -4.49 -11.35 10.90
C LEU A 365 -3.79 -11.87 12.15
N LEU A 366 -4.56 -12.42 13.09
CA LEU A 366 -3.98 -13.00 14.30
C LEU A 366 -3.15 -14.23 13.96
N ARG A 367 -3.65 -15.06 13.04
CA ARG A 367 -2.90 -16.21 12.56
C ARG A 367 -1.54 -15.79 12.03
N SER A 368 -1.52 -14.79 11.15
CA SER A 368 -0.26 -14.28 10.62
C SER A 368 0.68 -13.80 11.73
N ALA A 369 0.11 -13.27 12.81
CA ALA A 369 0.90 -12.79 13.93
C ALA A 369 1.34 -13.94 14.85
N GLY A 370 0.93 -15.15 14.50
CA GLY A 370 1.32 -16.32 15.27
C GLY A 370 0.50 -16.52 16.54
N VAL A 371 -0.77 -16.13 16.49
CA VAL A 371 -1.66 -16.28 17.64
C VAL A 371 -2.82 -17.19 17.29
N ARG A 372 -2.80 -18.41 17.82
CA ARG A 372 -3.83 -19.40 17.50
C ARG A 372 -4.65 -19.86 18.72
N THR A 373 -4.24 -19.41 19.90
CA THR A 373 -4.84 -19.88 21.15
C THR A 373 -5.22 -18.71 22.05
N PRO A 374 -6.24 -18.90 22.90
CA PRO A 374 -6.71 -17.88 23.85
C PRO A 374 -5.61 -17.28 24.72
N THR A 375 -4.68 -18.12 25.17
CA THR A 375 -3.58 -17.62 26.00
C THR A 375 -2.72 -16.66 25.19
N GLN A 376 -2.44 -17.06 23.95
CA GLN A 376 -1.66 -16.23 23.04
C GLN A 376 -2.36 -14.91 22.73
N VAL A 377 -3.68 -14.97 22.56
CA VAL A 377 -4.49 -13.77 22.37
C VAL A 377 -4.33 -12.85 23.58
N ASP A 378 -4.38 -13.45 24.77
CA ASP A 378 -4.22 -12.70 26.01
C ASP A 378 -2.88 -11.98 26.09
N ALA A 379 -1.80 -12.73 25.80
CA ALA A 379 -0.46 -12.15 25.80
C ALA A 379 -0.35 -11.03 24.78
N TRP A 380 -0.94 -11.25 23.60
CA TRP A 380 -0.95 -10.27 22.53
C TRP A 380 -1.62 -8.97 22.97
N LEU A 381 -2.79 -9.09 23.58
CA LEU A 381 -3.52 -7.94 24.09
C LEU A 381 -2.75 -7.23 25.20
N ASP A 382 -2.08 -8.00 26.06
CA ASP A 382 -1.21 -7.43 27.08
C ASP A 382 -0.15 -6.56 26.40
N GLY A 383 0.41 -7.10 25.32
CA GLY A 383 1.37 -6.38 24.51
C GLY A 383 0.83 -5.07 23.97
N ILE A 384 -0.36 -5.11 23.39
CA ILE A 384 -0.98 -3.90 22.85
C ILE A 384 -1.18 -2.84 23.93
N THR A 385 -1.84 -3.22 25.01
CA THR A 385 -2.15 -2.27 26.08
C THR A 385 -0.89 -1.69 26.71
N ALA A 386 0.15 -2.53 26.84
CA ALA A 386 1.41 -2.08 27.41
C ALA A 386 2.22 -1.20 26.46
N SER A 387 2.03 -1.39 25.16
CA SER A 387 2.84 -0.68 24.16
C SER A 387 2.15 0.59 23.65
N VAL A 388 1.00 0.92 24.22
CA VAL A 388 0.32 2.17 23.89
C VAL A 388 -0.14 2.89 25.16
N THR B 2 24.05 17.14 18.15
CA THR B 2 25.02 16.95 19.23
C THR B 2 26.15 15.97 18.85
N PHE B 3 27.36 16.30 19.31
CA PHE B 3 28.57 15.56 18.94
C PHE B 3 29.36 15.17 20.18
N PHE B 4 29.92 13.97 20.18
CA PHE B 4 30.67 13.46 21.33
C PHE B 4 31.98 12.80 20.92
N THR B 5 33.04 13.07 21.64
CA THR B 5 34.32 12.41 21.41
C THR B 5 35.25 12.51 22.62
N GLY B 6 36.26 11.64 22.65
CA GLY B 6 37.25 11.65 23.72
C GLY B 6 36.76 11.07 25.03
N GLU B 7 37.25 11.63 26.13
CA GLU B 7 36.96 11.12 27.47
C GLU B 7 35.47 11.16 27.81
N THR B 8 34.72 12.02 27.12
CA THR B 8 33.28 12.13 27.32
C THR B 8 32.58 10.83 26.93
N LEU B 9 33.26 9.99 26.17
CA LEU B 9 32.71 8.69 25.79
C LEU B 9 32.69 7.71 26.98
N GLY B 10 33.25 8.13 28.11
CA GLY B 10 33.21 7.33 29.32
C GLY B 10 32.20 7.87 30.31
N GLN B 11 31.44 8.89 29.90
CA GLN B 11 30.55 9.58 30.80
C GLN B 11 29.11 9.71 30.28
N VAL B 12 28.97 10.20 29.05
CA VAL B 12 27.66 10.53 28.50
C VAL B 12 26.83 9.28 28.17
N ASP B 13 25.50 9.44 28.19
CA ASP B 13 24.58 8.37 27.83
C ASP B 13 24.50 8.16 26.32
N LEU B 14 23.75 7.13 25.92
CA LEU B 14 23.52 6.84 24.51
C LEU B 14 22.26 7.56 24.03
N ILE B 15 22.43 8.54 23.15
CA ILE B 15 21.32 9.36 22.69
C ILE B 15 21.00 9.11 21.22
N VAL B 16 19.72 8.91 20.93
CA VAL B 16 19.27 8.63 19.57
C VAL B 16 19.73 9.68 18.57
N ASP B 17 20.35 9.22 17.49
CA ASP B 17 20.86 10.06 16.42
C ASP B 17 22.00 11.01 16.83
N ALA B 18 22.50 10.89 18.05
CA ALA B 18 23.71 11.60 18.46
C ALA B 18 24.94 10.94 17.82
N VAL B 19 25.98 11.72 17.60
CA VAL B 19 27.18 11.19 16.95
C VAL B 19 28.33 10.93 17.93
N TYR B 20 28.86 9.72 17.89
CA TYR B 20 29.99 9.35 18.74
C TYR B 20 31.24 9.06 17.90
N ALA B 21 32.20 9.96 17.96
CA ALA B 21 33.39 9.88 17.14
C ALA B 21 34.59 9.32 17.89
N GLY B 22 35.40 8.55 17.18
CA GLY B 22 36.64 8.03 17.72
C GLY B 22 37.72 9.09 17.71
N TYR B 23 38.74 8.90 18.54
CA TYR B 23 39.82 9.86 18.67
C TYR B 23 41.16 9.21 18.30
N LYS B 24 42.07 10.01 17.75
CA LYS B 24 43.40 9.53 17.41
C LYS B 24 44.18 9.24 18.70
N THR B 25 44.69 8.02 18.83
CA THR B 25 45.48 7.65 20.00
C THR B 25 46.97 7.66 19.68
N GLU B 26 47.39 6.72 18.85
CA GLU B 26 48.80 6.61 18.44
C GLU B 26 48.96 6.44 16.93
N ARG B 27 48.78 5.21 16.45
CA ARG B 27 49.13 4.81 15.07
C ARG B 27 48.71 5.74 13.91
N GLY B 28 47.79 6.67 14.17
CA GLY B 28 47.25 7.49 13.11
C GLY B 28 45.86 7.00 12.76
N GLY B 29 45.45 5.93 13.45
CA GLY B 29 44.11 5.40 13.35
C GLY B 29 43.32 5.79 14.59
N MET B 30 42.03 5.49 14.57
CA MET B 30 41.14 5.95 15.63
C MET B 30 40.88 4.88 16.68
N ALA B 31 40.88 5.28 17.94
CA ALA B 31 40.39 4.43 19.00
C ALA B 31 38.89 4.34 18.81
N ASP B 32 38.37 3.11 18.71
CA ASP B 32 36.95 2.93 18.46
C ASP B 32 36.11 3.39 19.66
N PRO B 33 35.18 4.32 19.42
CA PRO B 33 34.35 4.94 20.46
C PRO B 33 33.43 3.94 21.17
N LEU B 34 33.17 2.82 20.52
CA LEU B 34 32.26 1.83 21.09
C LEU B 34 32.88 1.09 22.26
N VAL B 35 34.21 1.11 22.35
CA VAL B 35 34.90 0.49 23.47
C VAL B 35 34.68 1.26 24.79
N PRO B 36 34.95 2.59 24.79
CA PRO B 36 34.60 3.31 26.02
C PRO B 36 33.09 3.47 26.20
N LEU B 37 32.38 3.78 25.12
CA LEU B 37 30.93 4.04 25.23
C LEU B 37 30.13 2.80 25.63
N VAL B 38 30.40 1.66 25.01
CA VAL B 38 29.58 0.46 25.22
C VAL B 38 30.27 -0.59 26.08
N GLY B 39 31.51 -0.90 25.74
CA GLY B 39 32.26 -1.93 26.44
C GLY B 39 32.46 -3.16 25.59
N VAL B 40 32.07 -3.07 24.32
CA VAL B 40 32.31 -4.14 23.37
C VAL B 40 33.75 -4.11 22.88
N SER B 41 34.14 -5.12 22.11
CA SER B 41 35.50 -5.19 21.57
C SER B 41 35.80 -4.09 20.55
N ARG B 42 36.99 -4.15 19.98
CA ARG B 42 37.50 -3.09 19.11
C ARG B 42 36.82 -3.03 17.73
N GLN B 43 36.67 -4.17 17.06
CA GLN B 43 36.14 -4.18 15.69
C GLN B 43 35.11 -5.29 15.46
N GLY B 44 34.19 -5.02 14.53
CA GLY B 44 33.21 -5.99 14.08
C GLY B 44 32.10 -5.30 13.32
N GLY B 45 31.44 -6.03 12.43
CA GLY B 45 30.23 -5.54 11.82
C GLY B 45 29.13 -5.65 12.86
N PHE B 46 29.20 -6.74 13.61
CA PHE B 46 28.37 -6.95 14.79
C PHE B 46 29.34 -7.25 15.93
N ARG B 47 29.08 -6.72 17.12
CA ARG B 47 29.94 -6.97 18.27
C ARG B 47 29.11 -7.34 19.50
N TYR B 48 29.56 -8.34 20.24
CA TYR B 48 28.83 -8.78 21.42
C TYR B 48 29.73 -8.96 22.63
N ARG B 49 29.23 -8.60 23.80
CA ARG B 49 29.89 -8.85 25.07
CA ARG B 49 29.96 -8.92 24.99
C ARG B 49 29.28 -10.08 25.71
N GLY B 50 30.08 -10.84 26.46
CA GLY B 50 29.61 -12.09 27.00
C GLY B 50 30.07 -13.20 26.06
N THR B 51 29.47 -14.37 26.16
CA THR B 51 29.87 -15.49 25.32
C THR B 51 29.01 -15.56 24.07
N ARG B 52 29.39 -16.45 23.15
CA ARG B 52 28.63 -16.70 21.94
C ARG B 52 27.28 -17.31 22.27
N GLU B 53 27.30 -18.32 23.16
CA GLU B 53 26.11 -19.06 23.53
C GLU B 53 25.15 -18.19 24.35
N ARG B 54 25.72 -17.38 25.24
CA ARG B 54 24.93 -16.49 26.06
C ARG B 54 25.49 -15.07 26.03
N PRO B 55 25.20 -14.33 24.96
CA PRO B 55 25.63 -12.94 24.86
C PRO B 55 24.82 -12.05 25.80
N THR B 56 25.51 -11.15 26.50
CA THR B 56 24.88 -10.27 27.46
C THR B 56 24.46 -8.96 26.79
N LEU B 57 25.16 -8.62 25.71
CA LEU B 57 24.89 -7.39 24.98
C LEU B 57 25.28 -7.52 23.52
N LEU B 58 24.54 -6.86 22.63
CA LEU B 58 24.81 -6.95 21.19
C LEU B 58 24.82 -5.58 20.51
N VAL B 59 25.88 -5.31 19.77
CA VAL B 59 26.00 -4.07 19.02
C VAL B 59 26.02 -4.35 17.52
N LEU B 60 25.03 -3.82 16.80
CA LEU B 60 24.95 -3.97 15.35
C LEU B 60 25.30 -2.66 14.65
N THR B 61 26.34 -2.69 13.82
CA THR B 61 26.72 -1.50 13.06
C THR B 61 26.56 -1.73 11.55
N SER B 62 26.27 -0.64 10.83
CA SER B 62 26.11 -0.70 9.38
C SER B 62 26.46 0.65 8.77
N ASN B 63 26.98 0.62 7.54
CA ASN B 63 27.35 1.86 6.87
C ASN B 63 26.24 2.38 5.96
N LEU B 64 25.29 1.49 5.65
CA LEU B 64 24.18 1.78 4.74
C LEU B 64 24.71 2.17 3.36
N ALA B 65 25.91 1.70 3.04
CA ALA B 65 26.57 2.05 1.78
C ALA B 65 26.73 0.84 0.86
N GLU B 66 26.31 -0.33 1.32
CA GLU B 66 26.42 -1.56 0.55
C GLU B 66 25.14 -1.87 -0.22
N PRO B 67 25.18 -1.69 -1.55
CA PRO B 67 24.02 -1.96 -2.41
C PRO B 67 23.68 -3.44 -2.52
N GLU B 68 24.68 -4.31 -2.33
CA GLU B 68 24.46 -5.75 -2.46
C GLU B 68 23.78 -6.35 -1.23
N TRP B 69 24.08 -5.77 -0.07
CA TRP B 69 23.39 -6.14 1.17
C TRP B 69 22.82 -4.87 1.81
N PRO B 70 21.64 -4.46 1.35
CA PRO B 70 21.04 -3.16 1.67
C PRO B 70 20.43 -3.07 3.05
N ASP B 71 21.27 -2.99 4.09
CA ASP B 71 20.79 -2.71 5.43
C ASP B 71 20.03 -1.40 5.38
N GLN B 72 18.91 -1.32 6.10
CA GLN B 72 18.07 -0.13 6.00
C GLN B 72 17.50 0.36 7.32
N LEU B 73 17.64 1.64 7.60
CA LEU B 73 16.97 2.21 8.75
C LEU B 73 15.76 3.04 8.32
N ASP B 74 14.57 2.47 8.52
CA ASP B 74 13.35 3.19 8.19
C ASP B 74 12.96 4.13 9.32
N GLU B 75 13.39 5.38 9.21
CA GLU B 75 13.23 6.36 10.27
C GLU B 75 11.77 6.65 10.59
N THR B 76 10.91 6.52 9.59
CA THR B 76 9.49 6.79 9.78
C THR B 76 8.84 5.81 10.74
N THR B 77 9.30 4.57 10.67
CA THR B 77 8.63 3.45 11.36
C THR B 77 9.49 2.78 12.39
N GLY B 78 10.75 3.19 12.44
CA GLY B 78 11.69 2.65 13.40
C GLY B 78 12.15 1.25 13.05
N THR B 79 11.85 0.80 11.84
CA THR B 79 12.27 -0.54 11.43
C THR B 79 13.71 -0.54 10.95
N PHE B 80 14.48 -1.50 11.44
CA PHE B 80 15.86 -1.68 11.03
C PHE B 80 16.04 -3.04 10.38
N ILE B 81 16.26 -3.04 9.07
CA ILE B 81 16.56 -4.26 8.35
C ILE B 81 18.07 -4.51 8.32
N TYR B 82 18.48 -5.66 8.83
CA TYR B 82 19.90 -5.99 9.00
C TYR B 82 20.27 -7.29 8.31
N TYR B 83 21.26 -7.24 7.42
CA TYR B 83 21.65 -8.44 6.68
C TYR B 83 22.80 -9.21 7.33
N GLY B 84 22.64 -10.52 7.38
CA GLY B 84 23.64 -11.41 7.95
C GLY B 84 25.04 -11.39 7.38
N ASP B 85 25.92 -12.20 7.96
CA ASP B 85 27.34 -12.14 7.67
C ASP B 85 27.89 -13.20 6.69
N ASN B 86 27.02 -13.98 6.06
CA ASN B 86 27.45 -14.89 4.99
C ASN B 86 27.23 -14.27 3.60
N ARG B 87 28.21 -13.47 3.16
CA ARG B 87 28.06 -12.62 1.99
C ARG B 87 28.83 -13.09 0.76
N HIS B 88 29.41 -14.28 0.83
CA HIS B 88 30.12 -14.88 -0.31
C HIS B 88 29.75 -16.36 -0.39
N PRO B 89 29.85 -16.97 -1.58
CA PRO B 89 29.47 -18.39 -1.74
C PRO B 89 30.51 -19.37 -1.22
N GLY B 90 30.11 -20.60 -0.92
CA GLY B 90 31.07 -21.62 -0.49
C GLY B 90 30.90 -22.07 0.95
N ARG B 91 30.06 -21.37 1.70
CA ARG B 91 29.87 -21.68 3.11
C ARG B 91 28.39 -21.85 3.44
N LEU B 92 28.08 -22.70 4.41
CA LEU B 92 26.69 -22.86 4.83
C LEU B 92 26.22 -21.61 5.59
N LEU B 93 24.91 -21.36 5.54
CA LEU B 93 24.28 -20.20 6.17
C LEU B 93 24.84 -19.88 7.55
N HIS B 94 24.86 -20.88 8.42
CA HIS B 94 25.26 -20.67 9.81
C HIS B 94 26.76 -20.76 10.05
N ASP B 95 27.51 -21.18 9.03
CA ASP B 95 28.95 -21.30 9.15
C ASP B 95 29.66 -20.02 8.66
N THR B 96 30.06 -19.19 9.60
CA THR B 96 30.68 -17.90 9.29
C THR B 96 31.83 -17.66 10.27
N PRO B 97 32.83 -16.84 9.86
CA PRO B 97 34.00 -16.61 10.71
C PRO B 97 33.69 -16.13 12.13
N ARG B 98 32.84 -15.12 12.27
CA ARG B 98 32.53 -14.57 13.59
C ARG B 98 31.14 -14.95 14.12
N PHE B 99 30.47 -15.83 13.40
CA PHE B 99 29.22 -16.46 13.84
C PHE B 99 28.02 -15.52 14.00
N GLY B 100 27.92 -14.53 13.12
CA GLY B 100 26.78 -13.63 13.14
C GLY B 100 25.45 -14.32 12.94
N ASN B 101 25.38 -15.19 11.93
CA ASN B 101 24.12 -15.87 11.60
C ASN B 101 23.64 -16.85 12.67
N GLN B 102 24.57 -17.54 13.30
CA GLN B 102 24.23 -18.41 14.42
C GLN B 102 23.68 -17.55 15.57
N LEU B 103 24.27 -16.38 15.75
CA LEU B 103 23.87 -15.46 16.81
C LEU B 103 22.45 -14.94 16.59
N LEU B 104 22.18 -14.47 15.37
CA LEU B 104 20.85 -14.00 14.99
C LEU B 104 19.83 -15.12 15.14
N ARG B 105 20.22 -16.30 14.69
CA ARG B 105 19.39 -17.48 14.81
C ARG B 105 19.00 -17.72 16.26
N GLN B 106 19.98 -17.63 17.14
CA GLN B 106 19.77 -17.89 18.56
C GLN B 106 18.87 -16.82 19.19
N ILE B 107 19.14 -15.56 18.88
CA ILE B 107 18.35 -14.45 19.38
C ILE B 107 16.88 -14.57 18.98
N PHE B 108 16.63 -14.86 17.72
CA PHE B 108 15.25 -14.98 17.25
C PHE B 108 14.59 -16.27 17.76
N ASP B 109 15.41 -17.29 17.97
CA ASP B 109 14.96 -18.51 18.64
C ASP B 109 14.41 -18.17 20.01
N TRP B 110 15.22 -17.50 20.83
CA TRP B 110 14.79 -17.11 22.17
C TRP B 110 13.54 -16.25 22.11
N ALA B 111 13.56 -15.21 21.28
CA ALA B 111 12.39 -14.35 21.15
C ALA B 111 11.13 -15.13 20.82
N HIS B 112 11.26 -16.17 20.00
CA HIS B 112 10.08 -16.91 19.53
C HIS B 112 9.62 -18.02 20.47
N LEU B 113 10.55 -18.59 21.23
CA LEU B 113 10.25 -19.68 22.15
C LEU B 113 9.75 -19.14 23.50
N GLY B 114 9.67 -17.81 23.62
CA GLY B 114 9.15 -17.20 24.83
C GLY B 114 10.17 -17.03 25.93
N GLN B 115 11.43 -16.87 25.56
CA GLN B 115 12.50 -16.65 26.51
C GLN B 115 13.21 -15.33 26.24
N ARG B 116 12.55 -14.23 26.54
CA ARG B 116 13.09 -12.92 26.19
C ARG B 116 14.12 -12.39 27.18
N HIS B 117 14.25 -13.08 28.31
CA HIS B 117 15.25 -12.72 29.32
C HIS B 117 16.65 -13.15 28.88
N LEU B 118 16.72 -14.01 27.88
CA LEU B 118 18.00 -14.42 27.31
C LEU B 118 18.45 -13.51 26.18
N VAL B 119 17.53 -12.67 25.71
CA VAL B 119 17.83 -11.77 24.60
C VAL B 119 18.51 -10.51 25.11
N PRO B 120 19.74 -10.29 24.65
CA PRO B 120 20.50 -9.09 25.04
C PRO B 120 19.90 -7.85 24.40
N PRO B 121 20.05 -6.69 25.07
CA PRO B 121 19.72 -5.42 24.45
C PRO B 121 20.53 -5.26 23.16
N ILE B 122 19.88 -4.90 22.07
CA ILE B 122 20.57 -4.70 20.81
C ILE B 122 20.74 -3.21 20.52
N LEU B 123 21.99 -2.77 20.44
CA LEU B 123 22.29 -1.37 20.15
C LEU B 123 22.68 -1.20 18.68
N VAL B 124 21.99 -0.29 18.00
CA VAL B 124 22.22 -0.08 16.57
C VAL B 124 23.01 1.20 16.33
N PHE B 125 24.07 1.10 15.54
CA PHE B 125 24.88 2.25 15.16
C PHE B 125 25.05 2.28 13.65
N THR B 126 25.07 3.48 13.06
CA THR B 126 25.38 3.60 11.64
C THR B 126 26.65 4.44 11.46
N THR B 127 27.48 4.08 10.49
CA THR B 127 28.74 4.79 10.29
C THR B 127 28.53 6.10 9.54
N GLU B 128 29.28 7.12 9.93
CA GLU B 128 29.21 8.42 9.26
C GLU B 128 30.29 8.52 8.18
N ALA B 129 31.11 7.49 8.09
CA ALA B 129 32.12 7.33 7.01
C ALA B 129 33.28 8.34 7.04
N THR B 130 33.18 9.37 7.87
CA THR B 130 34.28 10.32 8.03
C THR B 130 35.10 9.99 9.28
N GLY B 131 36.31 9.48 9.08
CA GLY B 131 37.08 8.94 10.17
C GLY B 131 36.36 7.72 10.70
N ARG B 132 36.57 7.38 11.97
CA ARG B 132 35.85 6.26 12.58
C ARG B 132 34.86 6.77 13.61
N THR B 133 33.62 6.97 13.17
CA THR B 133 32.56 7.48 14.04
C THR B 133 31.26 6.72 13.80
N PHE B 134 30.38 6.74 14.80
CA PHE B 134 29.10 6.07 14.68
C PHE B 134 27.98 6.92 15.28
N ARG B 135 26.93 7.12 14.49
CA ARG B 135 25.70 7.72 14.99
C ARG B 135 24.84 6.63 15.63
N PHE B 136 24.41 6.87 16.86
CA PHE B 136 23.59 5.91 17.58
C PHE B 136 22.14 6.01 17.14
N ARG B 137 21.58 4.89 16.69
CA ARG B 137 20.23 4.86 16.14
C ARG B 137 19.15 4.45 17.15
N GLY B 138 19.50 3.65 18.13
CA GLY B 138 18.57 3.31 19.18
C GLY B 138 18.75 1.94 19.82
N LEU B 139 17.88 1.64 20.78
CA LEU B 139 17.81 0.32 21.37
C LEU B 139 16.74 -0.46 20.63
N ALA B 140 17.10 -1.65 20.14
CA ALA B 140 16.19 -2.40 19.29
C ALA B 140 15.83 -3.76 19.87
N VAL B 141 14.68 -4.27 19.44
CA VAL B 141 14.25 -5.62 19.80
C VAL B 141 14.05 -6.41 18.51
N PRO B 142 14.12 -7.74 18.59
CA PRO B 142 13.82 -8.56 17.41
C PRO B 142 12.37 -8.39 16.99
N GLY B 143 12.13 -8.36 15.69
CA GLY B 143 10.76 -8.43 15.18
C GLY B 143 10.13 -7.09 14.89
N SER B 144 8.87 -7.14 14.46
CA SER B 144 8.13 -5.94 14.13
C SER B 144 6.64 -6.16 14.38
N PRO B 145 5.94 -5.12 14.86
CA PRO B 145 4.49 -5.20 15.05
C PRO B 145 3.73 -5.22 13.71
N ALA B 146 4.41 -4.94 12.61
CA ALA B 146 3.74 -4.84 11.31
C ALA B 146 3.97 -6.05 10.41
N LEU B 147 4.65 -7.06 10.95
CA LEU B 147 5.03 -8.22 10.16
C LEU B 147 4.44 -9.52 10.69
N ALA B 148 4.32 -10.51 9.81
CA ALA B 148 3.93 -11.84 10.23
C ALA B 148 5.02 -12.40 11.13
N ALA B 149 4.68 -13.39 11.93
CA ALA B 149 5.63 -13.95 12.88
C ALA B 149 6.83 -14.58 12.18
N THR B 150 6.55 -15.34 11.14
CA THR B 150 7.57 -16.15 10.49
C THR B 150 8.58 -15.35 9.66
N GLU B 151 8.30 -14.09 9.43
CA GLU B 151 9.09 -13.31 8.48
C GLU B 151 10.03 -12.29 9.12
N ASP B 152 10.35 -12.46 10.39
CA ASP B 152 11.25 -11.52 11.05
C ASP B 152 12.72 -11.90 10.85
N LEU B 153 12.96 -13.18 10.52
CA LEU B 153 14.30 -13.65 10.17
C LEU B 153 14.19 -14.68 9.06
N VAL B 154 14.64 -14.32 7.86
CA VAL B 154 14.50 -15.23 6.71
C VAL B 154 15.82 -15.52 6.01
N ALA B 155 15.92 -16.72 5.44
CA ALA B 155 17.11 -17.07 4.67
C ALA B 155 16.88 -16.79 3.20
N LEU B 156 17.68 -15.88 2.66
CA LEU B 156 17.61 -15.52 1.26
C LEU B 156 18.67 -16.28 0.47
N TRP B 157 18.33 -16.62 -0.77
CA TRP B 157 19.33 -17.13 -1.71
C TRP B 157 19.87 -15.95 -2.51
N LYS B 158 21.19 -15.80 -2.50
CA LYS B 158 21.86 -14.80 -3.31
C LYS B 158 22.69 -15.50 -4.39
N THR B 159 22.76 -14.87 -5.57
CA THR B 159 23.48 -15.44 -6.71
C THR B 159 24.74 -14.63 -7.03
N THR B 160 25.88 -15.29 -6.99
CA THR B 160 27.16 -14.65 -7.28
C THR B 160 28.09 -15.56 -8.09
N GLU B 161 28.49 -15.06 -9.27
CA GLU B 161 29.45 -15.74 -10.14
C GLU B 161 29.09 -17.20 -10.42
N GLY B 162 27.82 -17.45 -10.69
CA GLY B 162 27.37 -18.78 -11.05
C GLY B 162 27.11 -19.70 -9.87
N GLN B 163 27.30 -19.19 -8.67
CA GLN B 163 27.03 -19.97 -7.46
C GLN B 163 25.89 -19.36 -6.65
N ARG B 164 25.26 -20.18 -5.81
CA ARG B 164 24.14 -19.72 -5.00
C ARG B 164 24.34 -20.02 -3.51
N PHE B 165 24.24 -18.99 -2.68
CA PHE B 165 24.43 -19.18 -1.25
C PHE B 165 23.32 -18.54 -0.40
N GLN B 166 23.21 -18.97 0.84
CA GLN B 166 22.18 -18.44 1.72
C GLN B 166 22.72 -17.40 2.68
N ASN B 167 21.89 -16.41 2.99
CA ASN B 167 22.25 -15.40 3.97
C ASN B 167 21.01 -14.87 4.69
N TYR B 168 21.18 -14.40 5.92
CA TYR B 168 20.05 -13.97 6.74
C TYR B 168 19.60 -12.53 6.45
N LYS B 169 18.28 -12.33 6.45
CA LYS B 169 17.72 -10.99 6.55
C LYS B 169 16.91 -10.94 7.85
N ALA B 170 17.37 -10.09 8.76
CA ALA B 170 16.74 -9.93 10.07
C ALA B 170 16.00 -8.60 10.17
N VAL B 171 14.80 -8.64 10.74
CA VAL B 171 14.06 -7.41 10.97
C VAL B 171 14.06 -7.08 12.46
N PHE B 172 14.52 -5.88 12.80
CA PHE B 172 14.48 -5.39 14.18
C PHE B 172 13.61 -4.14 14.27
N THR B 173 13.13 -3.82 15.45
CA THR B 173 12.41 -2.56 15.66
C THR B 173 13.06 -1.72 16.75
N ILE B 174 13.31 -0.45 16.46
CA ILE B 174 13.86 0.48 17.43
C ILE B 174 12.78 0.90 18.41
N LEU B 175 13.00 0.62 19.70
CA LEU B 175 12.07 1.05 20.76
C LEU B 175 12.04 2.58 20.92
N ASP B 176 10.90 3.11 21.35
CA ASP B 176 10.76 4.53 21.62
C ASP B 176 11.45 4.91 22.92
N GLU B 177 12.75 5.19 22.84
CA GLU B 177 13.52 5.70 23.98
C GLU B 177 14.54 6.71 23.47
N ALA B 178 14.41 7.95 23.91
CA ALA B 178 15.32 9.00 23.45
C ALA B 178 16.73 8.80 23.99
N VAL B 179 16.82 8.27 25.22
CA VAL B 179 18.09 8.15 25.93
C VAL B 179 18.25 6.79 26.62
N ILE B 180 19.32 6.08 26.29
CA ILE B 180 19.64 4.82 26.93
C ILE B 180 20.82 5.05 27.87
N PRO B 181 20.63 4.75 29.17
CA PRO B 181 21.61 5.04 30.22
C PRO B 181 22.85 4.14 30.11
N ARG B 182 24.04 4.75 30.14
CA ARG B 182 25.28 4.00 30.03
C ARG B 182 25.49 3.09 31.25
N ALA B 183 24.88 3.49 32.37
CA ALA B 183 24.96 2.70 33.59
C ALA B 183 24.24 1.38 33.38
N TRP B 184 23.06 1.43 32.76
CA TRP B 184 22.30 0.22 32.46
C TRP B 184 23.00 -0.66 31.42
N VAL B 185 23.53 -0.03 30.39
CA VAL B 185 24.23 -0.73 29.32
C VAL B 185 25.43 -1.49 29.87
N HIS B 186 26.26 -0.79 30.64
CA HIS B 186 27.44 -1.41 31.21
C HIS B 186 27.11 -2.46 32.28
N ALA B 187 26.07 -2.18 33.08
CA ALA B 187 25.58 -3.16 34.04
C ALA B 187 25.21 -4.47 33.36
N VAL B 188 24.31 -4.39 32.37
CA VAL B 188 23.84 -5.58 31.67
C VAL B 188 24.99 -6.26 30.90
N GLY B 189 25.92 -5.46 30.41
CA GLY B 189 27.06 -5.97 29.67
C GLY B 189 27.93 -6.92 30.48
N ARG B 190 28.31 -6.51 31.68
CA ARG B 190 29.25 -7.27 32.51
C ARG B 190 29.01 -8.79 32.70
N GLY B 191 27.83 -9.24 33.13
CA GLY B 191 26.66 -8.41 33.39
C GLY B 191 25.84 -8.86 34.58
N GLU B 192 25.22 -7.90 35.26
CA GLU B 192 24.41 -8.19 36.44
C GLU B 192 23.02 -7.57 36.35
N THR B 193 22.14 -7.94 37.29
CA THR B 193 20.79 -7.41 37.36
C THR B 193 20.81 -5.89 37.55
N SER B 194 19.97 -5.19 36.79
CA SER B 194 19.84 -3.75 36.92
C SER B 194 18.38 -3.33 36.87
N GLY B 195 18.05 -2.25 37.58
CA GLY B 195 16.68 -1.75 37.59
C GLY B 195 16.62 -0.48 36.79
N LEU B 196 17.67 -0.22 36.03
CA LEU B 196 17.78 1.01 35.24
C LEU B 196 17.29 0.81 33.81
N ALA B 197 16.73 -0.35 33.53
CA ALA B 197 16.24 -0.69 32.20
C ALA B 197 15.14 0.27 31.76
N PRO B 198 15.23 0.77 30.51
CA PRO B 198 14.23 1.66 29.93
C PRO B 198 12.85 1.03 29.92
N VAL B 199 11.82 1.85 30.07
CA VAL B 199 10.46 1.34 30.25
C VAL B 199 10.00 0.46 29.10
N ALA B 200 10.28 0.89 27.87
CA ALA B 200 9.87 0.15 26.69
C ALA B 200 10.54 -1.23 26.65
N TRP B 201 11.76 -1.29 27.15
CA TRP B 201 12.47 -2.57 27.22
C TRP B 201 11.82 -3.53 28.19
N ASN B 202 11.57 -3.08 29.42
CA ASN B 202 10.84 -3.90 30.40
C ASN B 202 9.50 -4.35 29.86
N ALA B 203 8.80 -3.42 29.21
CA ALA B 203 7.51 -3.71 28.59
C ALA B 203 7.65 -4.86 27.59
N TRP B 204 8.67 -4.80 26.73
CA TRP B 204 8.90 -5.88 25.79
C TRP B 204 9.28 -7.20 26.49
N LEU B 205 10.04 -7.11 27.57
CA LEU B 205 10.45 -8.28 28.34
C LEU B 205 9.26 -9.02 28.93
N SER B 206 8.35 -8.25 29.52
CA SER B 206 7.17 -8.81 30.18
C SER B 206 6.13 -9.27 29.18
N ALA B 207 5.58 -8.34 28.41
CA ALA B 207 4.40 -8.64 27.59
C ALA B 207 4.71 -9.04 26.16
N GLY B 208 5.94 -8.76 25.71
CA GLY B 208 6.32 -9.06 24.34
C GLY B 208 5.89 -7.96 23.39
N GLY B 209 5.34 -6.88 23.94
CA GLY B 209 4.85 -5.78 23.15
C GLY B 209 5.98 -4.87 22.67
N ILE B 210 5.81 -4.31 21.48
CA ILE B 210 6.82 -3.42 20.90
C ILE B 210 6.28 -2.02 20.75
N ARG B 211 6.94 -1.05 21.37
CA ARG B 211 6.58 0.36 21.27
C ARG B 211 7.60 1.08 20.41
N PRO B 212 7.42 1.08 19.09
CA PRO B 212 8.40 1.57 18.13
C PRO B 212 8.63 3.09 18.15
N LEU B 213 9.88 3.50 17.92
CA LEU B 213 10.19 4.91 17.70
C LEU B 213 9.80 5.27 16.28
N MET B 214 8.69 5.98 16.12
CA MET B 214 8.24 6.38 14.79
C MET B 214 8.41 7.88 14.55
N ALA B 215 9.31 8.22 13.64
CA ALA B 215 9.63 9.60 13.34
C ALA B 215 9.43 9.92 11.87
N PRO B 216 8.18 10.25 11.48
CA PRO B 216 7.83 10.58 10.09
C PRO B 216 8.72 11.69 9.54
N ARG B 217 9.02 11.60 8.25
CA ARG B 217 9.92 12.54 7.61
C ARG B 217 9.16 13.82 7.26
N SER B 218 9.78 14.97 7.46
CA SER B 218 9.15 16.24 7.13
C SER B 218 9.17 16.45 5.61
N LEU B 219 8.57 17.56 5.15
CA LEU B 219 8.51 17.85 3.72
C LEU B 219 9.90 18.01 3.13
N LEU B 220 10.17 17.29 2.05
CA LEU B 220 11.50 17.27 1.48
C LEU B 220 11.50 17.54 -0.02
N VAL B 221 12.42 18.39 -0.44
CA VAL B 221 12.65 18.62 -1.87
C VAL B 221 14.04 18.14 -2.22
N ARG B 222 14.11 17.15 -3.12
CA ARG B 222 15.39 16.61 -3.54
C ARG B 222 16.12 17.52 -4.52
N SER B 223 17.45 17.40 -4.55
CA SER B 223 18.26 18.20 -5.46
C SER B 223 18.50 17.41 -6.73
N LYS B 224 19.09 18.06 -7.72
CA LYS B 224 19.40 17.41 -8.99
C LYS B 224 20.35 16.23 -8.76
N ALA B 225 21.37 16.46 -7.93
CA ALA B 225 22.40 15.45 -7.69
C ALA B 225 21.85 14.23 -6.95
N GLU B 226 20.87 14.47 -6.08
CA GLU B 226 20.23 13.40 -5.35
C GLU B 226 19.35 12.53 -6.25
N GLN B 227 18.60 13.17 -7.14
CA GLN B 227 17.71 12.45 -8.06
C GLN B 227 18.48 11.67 -9.12
N LEU B 228 19.62 12.19 -9.55
CA LEU B 228 20.46 11.54 -10.57
C LEU B 228 21.43 10.56 -9.93
N PRO B 229 21.78 9.48 -10.66
CA PRO B 229 22.75 8.49 -10.20
C PRO B 229 24.11 9.12 -9.93
N ALA B 230 24.94 8.46 -9.13
CA ALA B 230 26.26 8.97 -8.81
C ALA B 230 27.36 8.30 -9.63
N THR B 231 27.60 7.03 -9.35
CA THR B 231 28.62 6.25 -10.06
C THR B 231 28.28 6.14 -11.55
N PRO B 232 29.30 6.16 -12.41
CA PRO B 232 29.13 6.06 -13.87
C PRO B 232 28.49 4.76 -14.33
N GLU B 233 28.66 3.68 -13.57
CA GLU B 233 28.05 2.40 -13.90
C GLU B 233 26.53 2.52 -13.94
N ASP B 234 25.98 3.13 -12.90
CA ASP B 234 24.52 3.36 -12.81
C ASP B 234 24.04 4.23 -13.97
N GLN B 235 24.78 5.31 -14.23
CA GLN B 235 24.50 6.19 -15.36
C GLN B 235 24.42 5.40 -16.65
N ALA B 236 25.30 4.41 -16.79
CA ALA B 236 25.29 3.53 -17.95
C ALA B 236 24.01 2.70 -17.96
N LEU B 237 23.65 2.18 -16.79
CA LEU B 237 22.43 1.39 -16.65
C LEU B 237 21.22 2.16 -17.18
N ILE B 238 21.06 3.41 -16.74
CA ILE B 238 19.98 4.26 -17.22
C ILE B 238 20.09 4.56 -18.71
N GLU B 239 21.32 4.83 -19.16
CA GLU B 239 21.55 5.12 -20.58
C GLU B 239 21.08 3.97 -21.48
N VAL B 240 21.23 2.73 -21.01
CA VAL B 240 20.75 1.59 -21.79
C VAL B 240 19.24 1.68 -22.01
N ILE B 241 18.53 2.08 -20.96
CA ILE B 241 17.09 2.29 -21.04
C ILE B 241 16.75 3.41 -22.03
N ARG B 242 17.46 4.54 -21.91
CA ARG B 242 17.23 5.64 -22.84
C ARG B 242 17.42 5.24 -24.30
N GLN B 243 18.54 4.58 -24.58
CA GLN B 243 18.84 4.12 -25.94
C GLN B 243 17.82 3.11 -26.45
N ARG B 244 17.35 2.24 -25.55
CA ARG B 244 16.40 1.21 -25.96
C ARG B 244 15.10 1.77 -26.56
N TYR B 245 14.68 2.94 -26.10
CA TYR B 245 13.37 3.46 -26.52
C TYR B 245 13.40 4.67 -27.43
N LYS B 246 14.59 5.02 -27.93
CA LYS B 246 14.73 6.22 -28.76
C LYS B 246 14.04 6.08 -30.12
N GLU B 247 13.83 4.84 -30.55
CA GLU B 247 13.13 4.58 -31.81
C GLU B 247 11.64 4.37 -31.60
N ASN B 248 11.25 4.20 -30.33
CA ASN B 248 9.86 4.03 -29.96
C ASN B 248 9.60 4.64 -28.59
N PRO B 249 9.33 5.95 -28.55
CA PRO B 249 9.19 6.73 -27.32
C PRO B 249 8.08 6.20 -26.40
N PHE B 250 6.89 5.94 -26.94
CA PHE B 250 5.86 5.26 -26.16
C PHE B 250 6.37 3.84 -26.02
N GLY B 251 5.87 3.11 -25.05
CA GLY B 251 6.37 1.77 -24.83
C GLY B 251 7.43 1.81 -23.76
N PHE B 252 8.01 2.98 -23.55
CA PHE B 252 8.74 3.23 -22.31
C PHE B 252 7.71 3.30 -21.19
N GLU B 253 6.45 3.52 -21.57
CA GLU B 253 5.35 3.47 -20.63
C GLU B 253 5.21 2.06 -20.05
N ALA B 254 5.53 1.05 -20.84
CA ALA B 254 5.47 -0.33 -20.39
C ALA B 254 6.56 -0.59 -19.36
N CYS B 255 7.74 -0.02 -19.63
CA CYS B 255 8.89 -0.13 -18.76
C CYS B 255 8.59 0.55 -17.41
N ALA B 256 8.06 1.77 -17.51
CA ALA B 256 7.64 2.53 -16.34
C ALA B 256 6.56 1.78 -15.57
N GLY B 257 5.76 1.00 -16.30
CA GLY B 257 4.73 0.17 -15.69
C GLY B 257 5.33 -0.97 -14.88
N ALA B 258 6.38 -1.59 -15.44
CA ALA B 258 7.09 -2.65 -14.72
C ALA B 258 7.75 -2.12 -13.45
N LEU B 259 8.49 -1.02 -13.61
CA LEU B 259 9.13 -0.35 -12.48
C LEU B 259 8.08 0.04 -11.44
N THR B 260 6.90 0.44 -11.90
CA THR B 260 5.79 0.74 -11.01
C THR B 260 5.38 -0.50 -10.24
N ARG B 261 5.26 -1.62 -10.94
CA ARG B 261 4.92 -2.89 -10.27
C ARG B 261 5.98 -3.24 -9.22
N LEU B 262 7.21 -2.80 -9.43
CA LEU B 262 8.27 -3.05 -8.43
C LEU B 262 8.14 -2.09 -7.25
N LEU B 263 7.81 -0.82 -7.53
CA LEU B 263 7.70 0.23 -6.52
C LEU B 263 6.50 0.00 -5.60
N LEU B 264 5.42 -0.57 -6.15
CA LEU B 264 4.12 -0.58 -5.47
C LEU B 264 3.71 -1.91 -4.79
N PRO B 265 2.93 -1.80 -3.70
CA PRO B 265 2.66 -2.90 -2.76
C PRO B 265 1.68 -4.01 -3.18
N ASP B 266 1.10 -3.95 -4.37
CA ASP B 266 0.45 -5.14 -4.93
C ASP B 266 1.31 -5.45 -6.16
N VAL B 267 0.73 -6.15 -7.13
CA VAL B 267 1.22 -6.03 -8.49
C VAL B 267 0.14 -5.16 -9.11
N ALA B 268 0.46 -3.90 -9.37
CA ALA B 268 -0.55 -2.99 -9.88
C ALA B 268 -1.12 -3.52 -11.20
N ARG B 269 -2.43 -3.43 -11.39
CA ARG B 269 -3.01 -3.72 -12.70
C ARG B 269 -2.73 -2.53 -13.62
N LEU B 270 -2.49 -2.77 -14.90
CA LEU B 270 -2.07 -1.68 -15.79
C LEU B 270 -2.89 -1.62 -17.06
N ASP B 271 -3.47 -0.45 -17.31
CA ASP B 271 -4.09 -0.16 -18.60
C ASP B 271 -3.35 1.02 -19.21
N LEU B 272 -2.47 0.70 -20.15
CA LEU B 272 -1.58 1.69 -20.73
C LEU B 272 -2.09 2.24 -22.06
N THR B 273 -3.10 1.57 -22.62
CA THR B 273 -3.63 1.91 -23.94
C THR B 273 -4.96 2.66 -23.84
N ARG B 274 -4.87 3.96 -23.57
CA ARG B 274 -6.05 4.81 -23.40
C ARG B 274 -5.79 6.18 -24.02
N PRO B 275 -6.15 6.35 -25.29
CA PRO B 275 -5.94 7.60 -26.04
C PRO B 275 -6.38 8.80 -25.23
N TRP B 276 -5.51 9.79 -25.08
CA TRP B 276 -5.85 11.00 -24.34
C TRP B 276 -5.96 12.21 -25.26
N ARG B 277 -6.49 13.32 -24.73
CA ARG B 277 -6.86 14.49 -25.54
C ARG B 277 -5.72 15.17 -26.30
N ASP B 278 -4.48 15.08 -25.79
CA ASP B 278 -3.37 15.73 -26.46
C ASP B 278 -2.72 14.86 -27.53
N GLY B 279 -3.34 13.71 -27.82
CA GLY B 279 -2.81 12.80 -28.82
C GLY B 279 -1.92 11.74 -28.20
N GLY B 280 -1.59 11.92 -26.92
CA GLY B 280 -0.82 10.92 -26.18
C GLY B 280 -1.73 9.91 -25.54
N ARG B 281 -1.24 9.26 -24.48
CA ARG B 281 -2.06 8.27 -23.79
C ARG B 281 -2.34 8.64 -22.34
N ASP B 282 -3.41 8.06 -21.81
CA ASP B 282 -3.74 8.17 -20.40
C ASP B 282 -3.51 6.82 -19.71
N GLY B 283 -2.26 6.56 -19.36
CA GLY B 283 -1.91 5.35 -18.63
C GLY B 283 -2.49 5.37 -17.22
N ILE B 284 -3.21 4.32 -16.87
CA ILE B 284 -3.73 4.21 -15.50
C ILE B 284 -3.41 2.87 -14.90
N GLY B 285 -3.41 2.83 -13.57
CA GLY B 285 -3.18 1.58 -12.87
C GLY B 285 -4.16 1.39 -11.74
N ARG B 286 -4.24 0.16 -11.24
CA ARG B 286 -5.09 -0.16 -10.11
C ARG B 286 -4.29 -0.87 -9.01
N LEU B 287 -4.44 -0.40 -7.79
CA LEU B 287 -3.60 -0.82 -6.68
C LEU B 287 -4.47 -1.23 -5.51
N ARG B 288 -4.13 -2.34 -4.87
CA ARG B 288 -4.90 -2.83 -3.74
C ARG B 288 -4.25 -2.45 -2.42
N ILE B 289 -5.04 -1.82 -1.56
CA ILE B 289 -4.62 -1.53 -0.20
C ILE B 289 -5.35 -2.48 0.74
N GLY B 290 -4.60 -3.26 1.50
CA GLY B 290 -5.17 -4.22 2.43
C GLY B 290 -4.91 -5.65 1.99
N GLN B 291 -5.66 -6.59 2.55
CA GLN B 291 -5.56 -7.99 2.17
C GLN B 291 -6.97 -8.57 2.02
N SER B 292 -7.34 -8.94 0.81
CA SER B 292 -8.68 -9.48 0.54
C SER B 292 -9.00 -10.64 1.47
N PRO B 293 -10.26 -10.76 1.91
CA PRO B 293 -11.45 -9.99 1.52
C PRO B 293 -11.51 -8.54 2.03
N ALA B 294 -10.62 -8.17 2.94
CA ALA B 294 -10.61 -6.83 3.49
C ALA B 294 -9.58 -5.94 2.81
N ALA B 295 -9.98 -5.34 1.69
CA ALA B 295 -9.09 -4.50 0.91
C ALA B 295 -9.88 -3.59 0.00
N ILE B 296 -9.26 -2.50 -0.43
CA ILE B 296 -9.90 -1.64 -1.40
C ILE B 296 -8.97 -1.42 -2.57
N GLU B 297 -9.52 -1.04 -3.71
CA GLU B 297 -8.70 -0.69 -4.86
C GLU B 297 -8.75 0.80 -5.07
N VAL B 298 -7.58 1.39 -5.33
CA VAL B 298 -7.50 2.78 -5.69
C VAL B 298 -6.78 2.86 -7.03
N ASP B 299 -7.17 3.79 -7.89
CA ASP B 299 -6.52 3.91 -9.17
C ASP B 299 -5.53 5.06 -9.19
N PHE B 300 -4.53 4.94 -10.05
CA PHE B 300 -3.54 5.99 -10.20
C PHE B 300 -3.29 6.33 -11.66
N ALA B 301 -2.74 7.52 -11.89
CA ALA B 301 -2.36 7.92 -13.24
C ALA B 301 -0.86 7.77 -13.40
N LEU B 302 -0.43 7.17 -14.50
CA LEU B 302 0.99 6.98 -14.75
C LEU B 302 1.50 7.95 -15.81
N GLU B 303 2.65 8.56 -15.57
CA GLU B 303 3.29 9.44 -16.54
C GLU B 303 4.75 9.06 -16.70
N ALA B 304 5.12 8.65 -17.92
CA ALA B 304 6.47 8.16 -18.19
C ALA B 304 7.29 9.13 -19.05
N LYS B 305 8.32 9.71 -18.45
CA LYS B 305 9.17 10.67 -19.16
C LYS B 305 10.61 10.19 -19.37
N CYS B 306 10.88 9.69 -20.57
CA CYS B 306 12.22 9.20 -20.91
C CYS B 306 13.11 10.35 -21.40
N TYR B 307 13.82 10.99 -20.46
CA TYR B 307 14.68 12.14 -20.78
C TYR B 307 16.16 11.88 -20.56
N GLY B 308 16.99 12.74 -21.14
CA GLY B 308 18.41 12.73 -20.86
C GLY B 308 18.64 13.47 -19.57
N ALA B 309 19.75 13.20 -18.90
CA ALA B 309 20.05 13.82 -17.62
C ALA B 309 20.20 15.33 -17.70
N ASN B 310 20.32 15.84 -18.92
CA ASN B 310 20.45 17.28 -19.14
C ASN B 310 19.11 18.01 -19.22
N ASN B 311 18.03 17.23 -19.41
CA ASN B 311 16.70 17.82 -19.53
C ASN B 311 15.81 17.44 -18.35
N ALA B 312 15.52 18.41 -17.49
CA ALA B 312 14.71 18.16 -16.30
C ALA B 312 13.24 18.02 -16.64
N VAL B 313 12.52 17.24 -15.84
CA VAL B 313 11.07 17.24 -15.89
C VAL B 313 10.59 18.50 -15.20
N GLY B 314 9.81 19.30 -15.93
CA GLY B 314 9.41 20.61 -15.42
C GLY B 314 7.95 20.72 -15.06
N VAL B 315 7.49 21.96 -14.93
CA VAL B 315 6.14 22.26 -14.49
C VAL B 315 5.06 21.75 -15.45
N LYS B 316 5.34 21.77 -16.75
CA LYS B 316 4.34 21.40 -17.74
C LYS B 316 3.98 19.90 -17.75
N GLU B 317 4.99 19.04 -17.76
CA GLU B 317 4.79 17.60 -17.74
C GLU B 317 4.03 17.19 -16.48
N VAL B 318 4.56 17.66 -15.35
CA VAL B 318 3.93 17.45 -14.05
C VAL B 318 2.48 17.91 -14.09
N SER B 319 2.23 19.06 -14.71
CA SER B 319 0.88 19.58 -14.86
C SER B 319 -0.02 18.62 -15.64
N ARG B 320 0.53 18.02 -16.70
CA ARG B 320 -0.20 17.00 -17.44
C ARG B 320 -0.63 15.89 -16.48
N LEU B 321 0.32 15.45 -15.66
CA LEU B 321 -0.01 14.43 -14.65
C LEU B 321 -1.14 14.87 -13.72
N ILE B 322 -0.99 16.04 -13.11
CA ILE B 322 -1.98 16.62 -12.20
C ILE B 322 -3.36 16.62 -12.83
N SER B 323 -3.45 17.13 -14.05
CA SER B 323 -4.71 17.15 -14.78
C SER B 323 -5.26 15.75 -14.94
N ARG B 324 -4.37 14.78 -15.16
CA ARG B 324 -4.82 13.40 -15.27
C ARG B 324 -5.19 12.75 -13.93
N ILE B 325 -4.87 13.40 -12.82
CA ILE B 325 -5.18 12.87 -11.48
C ILE B 325 -6.63 13.18 -11.00
N LYS B 326 -7.31 14.10 -11.66
CA LYS B 326 -8.73 14.32 -11.42
C LYS B 326 -9.47 12.98 -11.47
N HIS B 327 -10.33 12.73 -10.47
CA HIS B 327 -11.11 11.51 -10.37
C HIS B 327 -10.25 10.25 -10.14
N ARG B 328 -9.01 10.45 -9.67
CA ARG B 328 -8.14 9.34 -9.30
C ARG B 328 -7.42 9.62 -7.99
N GLU B 329 -7.07 8.57 -7.27
CA GLU B 329 -6.50 8.73 -5.94
C GLU B 329 -5.11 9.36 -5.96
N PHE B 330 -4.24 8.87 -6.84
CA PHE B 330 -2.91 9.45 -6.94
C PHE B 330 -2.27 9.29 -8.32
N GLY B 331 -1.01 9.70 -8.42
CA GLY B 331 -0.28 9.62 -9.67
C GLY B 331 1.19 9.28 -9.46
N VAL B 332 1.76 8.58 -10.43
CA VAL B 332 3.16 8.22 -10.41
C VAL B 332 3.87 8.77 -11.65
N LEU B 333 4.95 9.51 -11.41
CA LEU B 333 5.80 9.99 -12.49
C LEU B 333 7.11 9.22 -12.51
N VAL B 334 7.31 8.43 -13.56
CA VAL B 334 8.56 7.69 -13.70
C VAL B 334 9.42 8.37 -14.75
N THR B 335 10.66 8.71 -14.39
CA THR B 335 11.53 9.42 -15.32
C THR B 335 12.99 9.00 -15.23
N THR B 336 13.66 8.94 -16.37
CA THR B 336 15.09 8.62 -16.41
C THR B 336 15.92 9.87 -16.20
N SER B 337 15.27 10.97 -15.85
CA SER B 337 15.96 12.21 -15.55
C SER B 337 15.53 12.69 -14.17
N TYR B 338 15.71 13.98 -13.90
CA TYR B 338 15.32 14.54 -12.61
C TYR B 338 14.21 15.58 -12.78
N VAL B 339 13.54 15.89 -11.66
CA VAL B 339 12.49 16.92 -11.65
C VAL B 339 13.08 18.23 -11.12
N ASP B 340 12.89 19.32 -11.87
CA ASP B 340 13.54 20.58 -11.50
C ASP B 340 12.98 21.17 -10.21
N ARG B 341 13.74 22.09 -9.63
CA ARG B 341 13.43 22.67 -8.33
C ARG B 341 12.01 23.22 -8.26
N GLN B 342 11.64 23.99 -9.28
CA GLN B 342 10.34 24.64 -9.30
C GLN B 342 9.20 23.61 -9.28
N ALA B 343 9.35 22.54 -10.05
CA ALA B 343 8.30 21.54 -10.16
C ALA B 343 8.16 20.74 -8.88
N TYR B 344 9.30 20.27 -8.35
CA TYR B 344 9.35 19.51 -7.10
C TYR B 344 8.72 20.34 -5.99
N GLN B 345 9.11 21.61 -5.93
CA GLN B 345 8.57 22.54 -4.95
C GLN B 345 7.06 22.70 -5.12
N GLU B 346 6.62 22.81 -6.36
CA GLU B 346 5.19 22.98 -6.63
C GLU B 346 4.40 21.74 -6.23
N VAL B 347 5.04 20.58 -6.28
CA VAL B 347 4.38 19.34 -5.89
C VAL B 347 4.32 19.18 -4.38
N THR B 348 5.44 19.40 -3.70
CA THR B 348 5.46 19.21 -2.25
C THR B 348 4.71 20.31 -1.49
N ASP B 349 4.80 21.55 -1.97
CA ASP B 349 4.14 22.68 -1.31
C ASP B 349 2.62 22.52 -1.31
N ASP B 350 2.05 22.26 -2.47
CA ASP B 350 0.64 21.91 -2.55
C ASP B 350 0.46 20.48 -2.07
N GLY B 351 -0.77 19.99 -2.07
CA GLY B 351 -1.04 18.68 -1.51
C GLY B 351 -1.02 17.54 -2.50
N HIS B 352 -0.40 17.75 -3.65
CA HIS B 352 -0.45 16.80 -4.75
C HIS B 352 0.07 15.41 -4.42
N PRO B 353 -0.82 14.40 -4.46
CA PRO B 353 -0.45 13.00 -4.23
C PRO B 353 0.29 12.43 -5.42
N VAL B 354 1.51 12.90 -5.64
CA VAL B 354 2.29 12.48 -6.79
C VAL B 354 3.61 11.87 -6.38
N ILE B 355 3.79 10.60 -6.68
CA ILE B 355 5.06 9.93 -6.46
C ILE B 355 6.03 10.36 -7.56
N LEU B 356 7.23 10.76 -7.16
CA LEU B 356 8.25 11.11 -8.14
C LEU B 356 9.33 10.05 -8.21
N THR B 357 9.29 9.22 -9.24
CA THR B 357 10.33 8.22 -9.45
C THR B 357 11.37 8.73 -10.44
N THR B 358 12.54 9.07 -9.93
CA THR B 358 13.61 9.62 -10.75
C THR B 358 14.66 8.56 -11.07
N ALA B 359 15.75 8.99 -11.69
CA ALA B 359 16.77 8.07 -12.19
C ALA B 359 17.39 7.21 -11.08
N GLN B 360 17.75 7.83 -9.97
CA GLN B 360 18.32 7.10 -8.84
C GLN B 360 17.34 6.04 -8.33
N ASP B 361 16.05 6.40 -8.30
CA ASP B 361 15.01 5.48 -7.86
C ASP B 361 14.90 4.29 -8.81
N ILE B 362 15.04 4.55 -10.10
CA ILE B 362 15.05 3.48 -11.10
C ILE B 362 16.26 2.58 -10.87
N VAL B 363 17.40 3.19 -10.55
CA VAL B 363 18.60 2.43 -10.22
C VAL B 363 18.34 1.49 -9.04
N GLY B 364 17.72 2.02 -8.00
CA GLY B 364 17.39 1.23 -6.83
C GLY B 364 16.47 0.06 -7.13
N LEU B 365 15.35 0.36 -7.77
CA LEU B 365 14.39 -0.67 -8.17
C LEU B 365 15.06 -1.76 -9.02
N LEU B 366 15.99 -1.35 -9.88
CA LEU B 366 16.77 -2.29 -10.67
C LEU B 366 17.66 -3.16 -9.78
N ARG B 367 18.32 -2.56 -8.79
CA ARG B 367 19.10 -3.33 -7.83
C ARG B 367 18.21 -4.41 -7.23
N SER B 368 17.07 -4.00 -6.68
CA SER B 368 16.16 -4.96 -6.06
C SER B 368 15.70 -6.05 -7.03
N ALA B 369 15.58 -5.71 -8.31
CA ALA B 369 15.22 -6.74 -9.30
C ALA B 369 16.39 -7.66 -9.65
N GLY B 370 17.59 -7.29 -9.21
CA GLY B 370 18.77 -8.12 -9.41
C GLY B 370 19.59 -7.72 -10.61
N VAL B 371 19.33 -6.53 -11.13
CA VAL B 371 19.98 -6.03 -12.33
C VAL B 371 21.00 -4.96 -11.99
N ARG B 372 22.29 -5.30 -12.09
CA ARG B 372 23.35 -4.34 -11.81
C ARG B 372 24.28 -4.11 -13.00
N THR B 373 24.03 -4.83 -14.10
CA THR B 373 24.88 -4.72 -15.29
C THR B 373 24.06 -4.39 -16.54
N PRO B 374 24.66 -3.69 -17.50
CA PRO B 374 24.02 -3.32 -18.78
C PRO B 374 23.51 -4.52 -19.58
N THR B 375 24.24 -5.63 -19.56
CA THR B 375 23.78 -6.85 -20.21
C THR B 375 22.46 -7.27 -19.56
N GLN B 376 22.47 -7.28 -18.24
CA GLN B 376 21.29 -7.62 -17.46
C GLN B 376 20.14 -6.65 -17.71
N VAL B 377 20.46 -5.37 -17.86
CA VAL B 377 19.44 -4.37 -18.20
C VAL B 377 18.81 -4.75 -19.53
N ASP B 378 19.65 -5.15 -20.48
CA ASP B 378 19.15 -5.56 -21.80
C ASP B 378 18.24 -6.80 -21.72
N ALA B 379 18.65 -7.79 -20.93
CA ALA B 379 17.81 -8.97 -20.73
C ALA B 379 16.46 -8.60 -20.11
N TRP B 380 16.51 -7.74 -19.11
CA TRP B 380 15.33 -7.25 -18.42
C TRP B 380 14.36 -6.56 -19.39
N LEU B 381 14.90 -5.63 -20.17
CA LEU B 381 14.12 -4.90 -21.16
C LEU B 381 13.51 -5.84 -22.18
N ASP B 382 14.30 -6.84 -22.61
CA ASP B 382 13.80 -7.85 -23.52
C ASP B 382 12.59 -8.54 -22.91
N GLY B 383 12.72 -8.93 -21.64
CA GLY B 383 11.62 -9.51 -20.90
C GLY B 383 10.38 -8.65 -20.87
N ILE B 384 10.56 -7.35 -20.63
CA ILE B 384 9.45 -6.40 -20.58
C ILE B 384 8.72 -6.29 -21.93
N THR B 385 9.50 -6.10 -22.98
CA THR B 385 8.95 -5.97 -24.32
C THR B 385 8.21 -7.24 -24.72
N ALA B 386 8.76 -8.39 -24.30
CA ALA B 386 8.14 -9.67 -24.59
C ALA B 386 6.85 -9.90 -23.80
N SER B 387 6.82 -9.38 -22.58
CA SER B 387 5.73 -9.68 -21.64
C SER B 387 4.59 -8.67 -21.71
N VAL B 388 4.64 -7.77 -22.68
CA VAL B 388 3.53 -6.84 -22.92
C VAL B 388 2.90 -7.09 -24.29
N THR C 2 -16.00 44.49 17.95
CA THR C 2 -15.17 43.33 18.30
C THR C 2 -13.78 43.43 17.69
N PHE C 3 -13.27 44.65 17.57
CA PHE C 3 -11.91 44.90 17.09
C PHE C 3 -11.31 46.00 17.95
N PHE C 4 -10.19 45.70 18.62
CA PHE C 4 -9.62 46.65 19.57
C PHE C 4 -8.17 46.98 19.20
N THR C 5 -7.77 48.23 19.47
CA THR C 5 -6.39 48.66 19.20
C THR C 5 -6.02 49.87 20.06
N GLY C 6 -4.72 50.05 20.27
CA GLY C 6 -4.21 51.23 20.97
C GLY C 6 -4.52 51.28 22.45
N GLU C 7 -5.00 52.45 22.89
CA GLU C 7 -5.33 52.68 24.28
C GLU C 7 -6.37 51.67 24.76
N THR C 8 -7.23 51.24 23.84
CA THR C 8 -8.27 50.27 24.11
C THR C 8 -7.68 48.98 24.70
N LEU C 9 -6.46 48.65 24.31
CA LEU C 9 -5.82 47.43 24.78
C LEU C 9 -5.48 47.46 26.27
N GLY C 10 -5.63 48.63 26.89
CA GLY C 10 -5.41 48.73 28.32
C GLY C 10 -6.71 48.86 29.08
N GLN C 11 -7.82 48.68 28.38
CA GLN C 11 -9.14 48.93 28.94
C GLN C 11 -10.08 47.73 28.90
N VAL C 12 -10.33 47.20 27.72
CA VAL C 12 -11.30 46.11 27.55
C VAL C 12 -10.88 44.78 28.16
N ASP C 13 -11.85 43.88 28.32
CA ASP C 13 -11.60 42.53 28.83
C ASP C 13 -11.24 41.61 27.68
N LEU C 14 -10.88 40.37 28.00
CA LEU C 14 -10.62 39.37 26.98
C LEU C 14 -11.93 38.70 26.58
N ILE C 15 -12.29 38.87 25.31
CA ILE C 15 -13.56 38.37 24.80
C ILE C 15 -13.34 37.33 23.71
N VAL C 16 -14.05 36.22 23.80
CA VAL C 16 -13.93 35.15 22.80
C VAL C 16 -14.40 35.63 21.42
N ASP C 17 -13.56 35.38 20.41
CA ASP C 17 -13.77 35.79 19.01
C ASP C 17 -13.50 37.27 18.72
N ALA C 18 -13.11 38.03 19.75
CA ALA C 18 -12.70 39.42 19.55
C ALA C 18 -11.27 39.47 19.02
N VAL C 19 -10.99 40.47 18.18
CA VAL C 19 -9.66 40.59 17.58
C VAL C 19 -8.87 41.74 18.19
N TYR C 20 -7.64 41.45 18.59
CA TYR C 20 -6.79 42.43 19.24
C TYR C 20 -5.57 42.69 18.36
N ALA C 21 -5.49 43.92 17.82
CA ALA C 21 -4.57 44.20 16.73
C ALA C 21 -3.57 45.31 17.03
N GLY C 22 -2.88 45.75 15.98
CA GLY C 22 -1.96 46.87 16.04
C GLY C 22 -0.83 46.68 17.03
N TYR C 23 -0.08 47.76 17.29
CA TYR C 23 -0.31 49.06 16.65
C TYR C 23 1.02 49.68 16.22
N LYS C 24 0.95 50.70 15.36
CA LYS C 24 2.15 51.34 14.84
C LYS C 24 2.92 52.11 15.91
N THR C 25 4.24 52.10 15.81
CA THR C 25 5.10 52.87 16.71
C THR C 25 6.26 53.52 15.95
N GLU C 26 7.22 54.07 16.70
CA GLU C 26 8.39 54.70 16.09
C GLU C 26 9.18 53.70 15.24
N ARG C 27 9.86 54.21 14.22
CA ARG C 27 10.51 53.38 13.20
C ARG C 27 9.49 52.44 12.56
N GLY C 28 9.87 51.17 12.40
CA GLY C 28 8.99 50.19 11.79
C GLY C 28 8.46 49.20 12.81
N GLY C 29 8.61 49.55 14.09
CA GLY C 29 8.20 48.67 15.17
C GLY C 29 6.69 48.52 15.31
N MET C 30 6.25 47.27 15.37
CA MET C 30 4.83 46.95 15.58
C MET C 30 4.62 46.49 17.02
N ALA C 31 3.91 47.29 17.80
CA ALA C 31 3.66 46.98 19.20
C ALA C 31 2.80 45.72 19.37
N ASP C 32 3.14 44.90 20.35
CA ASP C 32 2.40 43.66 20.58
C ASP C 32 1.24 43.89 21.55
N PRO C 33 0.02 43.59 21.10
CA PRO C 33 -1.23 43.83 21.84
C PRO C 33 -1.32 43.01 23.12
N LEU C 34 -0.68 41.85 23.13
CA LEU C 34 -0.71 40.96 24.27
C LEU C 34 0.09 41.51 25.45
N VAL C 35 0.89 42.55 25.21
CA VAL C 35 1.62 43.18 26.31
C VAL C 35 0.71 44.08 27.14
N PRO C 36 0.02 45.05 26.51
CA PRO C 36 -0.93 45.79 27.34
C PRO C 36 -2.13 44.94 27.76
N LEU C 37 -2.65 44.12 26.86
CA LEU C 37 -3.85 43.32 27.17
C LEU C 37 -3.64 42.29 28.29
N VAL C 38 -2.50 41.61 28.27
CA VAL C 38 -2.28 40.48 29.18
C VAL C 38 -1.18 40.77 30.20
N GLY C 39 -0.05 41.27 29.72
CA GLY C 39 1.06 41.60 30.60
C GLY C 39 2.22 40.62 30.48
N VAL C 40 2.18 39.78 29.45
CA VAL C 40 3.26 38.85 29.19
C VAL C 40 4.35 39.54 28.35
N SER C 41 5.34 38.76 27.91
CA SER C 41 6.41 39.32 27.06
C SER C 41 5.91 39.63 25.65
N ARG C 42 6.82 40.12 24.81
CA ARG C 42 6.43 40.64 23.50
C ARG C 42 6.38 39.59 22.38
N GLN C 43 7.06 38.46 22.57
CA GLN C 43 7.02 37.38 21.57
C GLN C 43 7.33 36.01 22.20
N GLY C 44 7.21 34.97 21.38
CA GLY C 44 7.23 33.59 21.81
C GLY C 44 5.95 32.99 21.27
N GLY C 45 6.00 31.71 20.90
CA GLY C 45 4.79 31.01 20.49
C GLY C 45 4.02 30.69 21.74
N PHE C 46 4.75 30.66 22.86
CA PHE C 46 4.16 30.54 24.18
C PHE C 46 4.86 31.57 25.08
N ARG C 47 4.08 32.29 25.89
CA ARG C 47 4.64 33.28 26.79
C ARG C 47 4.08 33.02 28.18
N TYR C 48 4.78 33.45 29.21
CA TYR C 48 4.32 33.15 30.56
C TYR C 48 4.80 34.16 31.60
N ARG C 49 4.14 34.14 32.75
CA ARG C 49 4.50 35.02 33.86
C ARG C 49 4.79 34.19 35.10
N GLY C 50 5.62 34.72 35.99
CA GLY C 50 6.03 34.00 37.18
C GLY C 50 7.29 33.21 36.92
N THR C 51 7.71 32.40 37.89
CA THR C 51 8.86 31.53 37.69
C THR C 51 8.47 30.36 36.82
N ARG C 52 9.46 29.77 36.15
CA ARG C 52 9.20 28.60 35.32
C ARG C 52 8.87 27.40 36.20
N GLU C 53 9.23 27.48 37.47
CA GLU C 53 8.97 26.40 38.42
C GLU C 53 7.54 26.50 38.97
N ARG C 54 7.01 27.72 39.01
CA ARG C 54 5.64 27.96 39.45
C ARG C 54 5.00 29.06 38.61
N PRO C 55 4.62 28.74 37.37
CA PRO C 55 4.08 29.75 36.44
C PRO C 55 2.73 30.31 36.91
N THR C 56 2.57 31.63 36.83
CA THR C 56 1.35 32.27 37.30
C THR C 56 0.29 32.33 36.20
N LEU C 57 0.71 32.62 34.98
CA LEU C 57 -0.20 32.76 33.86
C LEU C 57 0.48 32.33 32.55
N LEU C 58 -0.25 31.61 31.71
CA LEU C 58 0.33 31.06 30.47
C LEU C 58 -0.47 31.41 29.22
N VAL C 59 0.19 32.07 28.27
CA VAL C 59 -0.44 32.47 27.01
C VAL C 59 0.08 31.67 25.81
N LEU C 60 -0.81 30.99 25.12
CA LEU C 60 -0.44 30.20 23.95
C LEU C 60 -0.97 30.83 22.68
N THR C 61 -0.07 31.12 21.73
CA THR C 61 -0.49 31.68 20.45
C THR C 61 -0.19 30.70 19.31
N SER C 62 -1.00 30.77 18.26
CA SER C 62 -0.81 29.86 17.14
C SER C 62 -1.40 30.45 15.87
N ASN C 63 -0.75 30.22 14.73
CA ASN C 63 -1.26 30.72 13.46
C ASN C 63 -2.12 29.70 12.71
N LEU C 64 -2.02 28.44 13.13
CA LEU C 64 -2.73 27.33 12.49
C LEU C 64 -2.36 27.20 11.01
N ALA C 65 -1.19 27.72 10.66
CA ALA C 65 -0.76 27.76 9.27
C ALA C 65 0.43 26.83 9.02
N GLU C 66 0.91 26.18 10.07
CA GLU C 66 2.07 25.32 9.98
C GLU C 66 1.67 23.87 9.72
N PRO C 67 2.02 23.35 8.53
CA PRO C 67 1.67 21.98 8.16
C PRO C 67 2.52 20.94 8.90
N GLU C 68 3.73 21.32 9.31
CA GLU C 68 4.61 20.40 10.02
C GLU C 68 4.18 20.19 11.46
N TRP C 69 3.68 21.25 12.09
CA TRP C 69 3.15 21.19 13.44
C TRP C 69 1.71 21.69 13.45
N PRO C 70 0.77 20.84 13.02
CA PRO C 70 -0.60 21.25 12.76
C PRO C 70 -1.42 21.53 14.02
N ASP C 71 -1.19 22.69 14.64
CA ASP C 71 -2.04 23.16 15.74
C ASP C 71 -3.47 23.25 15.22
N GLN C 72 -4.41 22.78 16.02
CA GLN C 72 -5.79 22.66 15.57
C GLN C 72 -6.76 23.10 16.66
N LEU C 73 -7.78 23.86 16.28
CA LEU C 73 -8.80 24.30 17.21
C LEU C 73 -10.20 23.89 16.75
N ASP C 74 -10.74 22.86 17.39
CA ASP C 74 -12.04 22.32 17.06
C ASP C 74 -13.14 23.04 17.83
N GLU C 75 -13.92 23.85 17.12
CA GLU C 75 -14.97 24.66 17.72
C GLU C 75 -16.20 23.84 18.09
N THR C 76 -16.30 22.63 17.53
CA THR C 76 -17.41 21.76 17.88
C THR C 76 -17.25 21.25 19.30
N THR C 77 -16.05 20.78 19.63
CA THR C 77 -15.78 20.26 20.97
C THR C 77 -15.05 21.28 21.87
N GLY C 78 -14.58 22.37 21.28
CA GLY C 78 -13.82 23.36 22.01
C GLY C 78 -12.44 22.83 22.36
N THR C 79 -11.92 21.94 21.52
CA THR C 79 -10.65 21.30 21.82
C THR C 79 -9.49 22.01 21.13
N PHE C 80 -8.38 22.19 21.84
CA PHE C 80 -7.23 22.88 21.27
C PHE C 80 -6.00 21.99 21.29
N ILE C 81 -5.55 21.59 20.10
CA ILE C 81 -4.37 20.74 19.97
C ILE C 81 -3.15 21.58 19.66
N TYR C 82 -2.16 21.52 20.55
CA TYR C 82 -1.03 22.45 20.55
C TYR C 82 0.31 21.74 20.61
N TYR C 83 1.24 22.12 19.73
CA TYR C 83 2.53 21.44 19.67
C TYR C 83 3.64 22.16 20.42
N GLY C 84 4.57 21.38 20.97
CA GLY C 84 5.64 21.90 21.80
C GLY C 84 6.62 22.82 21.10
N ASP C 85 7.61 23.30 21.86
CA ASP C 85 8.50 24.34 21.38
C ASP C 85 9.85 23.84 20.85
N ASN C 86 10.00 22.52 20.75
CA ASN C 86 11.20 21.93 20.16
C ASN C 86 10.93 21.50 18.73
N ARG C 87 11.22 22.37 17.77
CA ARG C 87 10.82 22.16 16.39
C ARG C 87 11.97 21.78 15.46
N HIS C 88 13.18 21.67 16.02
CA HIS C 88 14.37 21.37 15.22
C HIS C 88 15.23 20.28 15.88
N PRO C 89 15.94 19.49 15.06
CA PRO C 89 16.85 18.48 15.59
C PRO C 89 18.03 19.10 16.32
N GLY C 90 18.62 18.38 17.26
CA GLY C 90 19.79 18.86 17.97
C GLY C 90 19.61 19.04 19.46
N ARG C 91 18.39 18.91 19.94
CA ARG C 91 18.10 19.09 21.36
C ARG C 91 17.09 18.05 21.85
N LEU C 92 17.26 17.61 23.09
CA LEU C 92 16.33 16.66 23.70
C LEU C 92 14.97 17.32 23.93
N LEU C 93 13.95 16.49 24.14
CA LEU C 93 12.56 16.92 24.24
C LEU C 93 12.33 18.05 25.24
N HIS C 94 12.96 17.96 26.41
CA HIS C 94 12.72 18.90 27.50
C HIS C 94 13.78 20.00 27.59
N ASP C 95 14.76 19.95 26.70
CA ASP C 95 15.78 20.99 26.66
C ASP C 95 15.50 21.96 25.51
N THR C 96 14.96 23.13 25.85
CA THR C 96 14.62 24.15 24.87
C THR C 96 15.03 25.52 25.39
N PRO C 97 15.21 26.50 24.49
CA PRO C 97 15.61 27.86 24.93
C PRO C 97 14.63 28.51 25.91
N ARG C 98 13.33 28.42 25.63
CA ARG C 98 12.33 29.10 26.46
C ARG C 98 11.60 28.15 27.42
N PHE C 99 12.00 26.88 27.42
CA PHE C 99 11.55 25.89 28.39
C PHE C 99 10.05 25.54 28.33
N GLY C 100 9.48 25.61 27.13
CA GLY C 100 8.07 25.31 26.96
C GLY C 100 7.64 23.88 27.20
N ASN C 101 8.46 22.92 26.76
CA ASN C 101 8.11 21.52 26.96
C ASN C 101 8.16 21.15 28.44
N GLN C 102 9.13 21.70 29.16
CA GLN C 102 9.22 21.46 30.59
C GLN C 102 7.97 21.99 31.27
N LEU C 103 7.60 23.21 30.91
CA LEU C 103 6.39 23.82 31.43
C LEU C 103 5.17 22.94 31.17
N LEU C 104 4.96 22.57 29.92
CA LEU C 104 3.87 21.68 29.55
C LEU C 104 3.84 20.41 30.39
N ARG C 105 5.00 19.78 30.57
CA ARG C 105 5.09 18.58 31.39
C ARG C 105 4.67 18.83 32.84
N GLN C 106 5.20 19.89 33.44
CA GLN C 106 4.88 20.25 34.81
C GLN C 106 3.37 20.49 34.98
N ILE C 107 2.82 21.30 34.08
CA ILE C 107 1.39 21.60 34.05
C ILE C 107 0.54 20.34 33.95
N PHE C 108 0.85 19.48 32.99
CA PHE C 108 0.04 18.30 32.76
C PHE C 108 0.16 17.28 33.89
N ASP C 109 1.34 17.14 34.46
CA ASP C 109 1.53 16.26 35.62
CA ASP C 109 1.50 16.25 35.60
C ASP C 109 0.71 16.79 36.79
N TRP C 110 0.75 18.11 36.98
CA TRP C 110 -0.05 18.77 37.99
C TRP C 110 -1.52 18.40 37.82
N ALA C 111 -2.05 18.69 36.64
CA ALA C 111 -3.45 18.38 36.33
C ALA C 111 -3.79 16.90 36.56
N HIS C 112 -2.85 16.02 36.23
CA HIS C 112 -3.06 14.59 36.39
C HIS C 112 -3.14 14.18 37.86
N LEU C 113 -2.34 14.83 38.70
CA LEU C 113 -2.28 14.46 40.11
C LEU C 113 -3.40 15.04 40.97
N GLY C 114 -4.34 15.74 40.34
CA GLY C 114 -5.39 16.43 41.08
C GLY C 114 -4.88 17.70 41.74
N GLN C 115 -3.74 18.19 41.28
CA GLN C 115 -3.11 19.38 41.85
C GLN C 115 -3.48 20.63 41.06
N ARG C 116 -4.74 20.68 40.61
CA ARG C 116 -5.22 21.73 39.72
C ARG C 116 -4.89 23.16 40.15
N HIS C 117 -4.80 23.39 41.45
CA HIS C 117 -4.60 24.73 41.99
C HIS C 117 -3.21 25.28 41.66
N LEU C 118 -2.33 24.41 41.18
CA LEU C 118 -0.98 24.82 40.79
C LEU C 118 -0.94 25.17 39.32
N VAL C 119 -1.99 24.79 38.59
CA VAL C 119 -2.06 25.07 37.17
C VAL C 119 -2.44 26.53 36.92
N PRO C 120 -1.61 27.25 36.16
CA PRO C 120 -1.91 28.63 35.80
C PRO C 120 -3.01 28.68 34.75
N PRO C 121 -3.78 29.78 34.72
CA PRO C 121 -4.74 29.95 33.63
C PRO C 121 -4.05 29.98 32.27
N ILE C 122 -4.68 29.35 31.28
CA ILE C 122 -4.12 29.28 29.95
C ILE C 122 -5.00 30.05 28.96
N LEU C 123 -4.41 31.06 28.33
CA LEU C 123 -5.15 31.90 27.38
C LEU C 123 -4.76 31.54 25.95
N VAL C 124 -5.74 31.22 25.12
CA VAL C 124 -5.45 30.79 23.75
C VAL C 124 -5.76 31.87 22.70
N PHE C 125 -4.73 32.25 21.93
CA PHE C 125 -4.90 33.21 20.83
C PHE C 125 -4.48 32.61 19.48
N THR C 126 -5.23 32.93 18.44
CA THR C 126 -4.80 32.57 17.09
C THR C 126 -4.54 33.80 16.22
N THR C 127 -3.49 33.74 15.42
CA THR C 127 -3.16 34.84 14.52
C THR C 127 -4.16 34.86 13.36
N GLU C 128 -4.45 36.06 12.87
CA GLU C 128 -5.50 36.22 11.86
C GLU C 128 -4.98 36.29 10.43
N ALA C 129 -4.57 37.48 10.00
CA ALA C 129 -4.18 37.68 8.61
C ALA C 129 -2.93 38.54 8.48
N THR C 130 -3.10 39.84 8.68
CA THR C 130 -2.03 40.79 8.45
C THR C 130 -1.68 41.59 9.70
N GLY C 131 -0.45 42.09 9.76
CA GLY C 131 0.04 42.82 10.91
C GLY C 131 0.16 41.90 12.11
N ARG C 132 0.34 42.48 13.29
CA ARG C 132 0.38 41.71 14.52
C ARG C 132 -1.00 41.73 15.18
N THR C 133 -1.77 40.69 14.93
CA THR C 133 -3.14 40.58 15.44
C THR C 133 -3.39 39.18 15.97
N PHE C 134 -4.22 39.09 17.00
CA PHE C 134 -4.61 37.79 17.51
C PHE C 134 -6.10 37.74 17.79
N ARG C 135 -6.72 36.60 17.48
CA ARG C 135 -8.09 36.35 17.86
C ARG C 135 -8.10 35.52 19.14
N PHE C 136 -8.75 36.04 20.18
CA PHE C 136 -8.83 35.32 21.45
C PHE C 136 -9.82 34.17 21.34
N ARG C 137 -9.36 32.96 21.63
CA ARG C 137 -10.18 31.77 21.45
C ARG C 137 -10.77 31.29 22.77
N GLY C 138 -10.15 31.68 23.88
CA GLY C 138 -10.72 31.39 25.17
C GLY C 138 -9.75 31.03 26.27
N LEU C 139 -10.32 30.78 27.45
CA LEU C 139 -9.57 30.30 28.59
C LEU C 139 -9.66 28.77 28.61
N ALA C 140 -8.53 28.12 28.82
CA ALA C 140 -8.47 26.68 28.65
C ALA C 140 -7.78 25.98 29.80
N VAL C 141 -8.12 24.70 29.97
CA VAL C 141 -7.51 23.84 30.96
C VAL C 141 -6.86 22.64 30.28
N PRO C 142 -5.79 22.10 30.88
CA PRO C 142 -5.15 20.90 30.35
C PRO C 142 -6.08 19.70 30.31
N GLY C 143 -6.17 19.05 29.16
CA GLY C 143 -6.93 17.81 29.05
C GLY C 143 -8.24 17.95 28.32
N SER C 144 -8.99 16.86 28.29
CA SER C 144 -10.29 16.82 27.61
C SER C 144 -11.22 15.81 28.29
N PRO C 145 -12.52 16.09 28.29
CA PRO C 145 -13.48 15.13 28.83
C PRO C 145 -13.57 13.82 28.01
N ALA C 146 -13.02 13.82 26.80
CA ALA C 146 -13.03 12.62 25.98
C ALA C 146 -11.74 11.78 26.09
N LEU C 147 -10.74 12.34 26.77
CA LEU C 147 -9.42 11.70 26.87
C LEU C 147 -9.03 11.29 28.28
N ALA C 148 -8.36 10.15 28.40
CA ALA C 148 -7.76 9.72 29.65
C ALA C 148 -6.49 10.52 29.93
N ALA C 149 -5.92 10.34 31.11
CA ALA C 149 -4.79 11.15 31.55
C ALA C 149 -3.52 10.93 30.73
N THR C 150 -3.27 9.68 30.36
CA THR C 150 -2.07 9.35 29.58
C THR C 150 -2.19 9.85 28.14
N GLU C 151 -3.42 10.15 27.72
CA GLU C 151 -3.70 10.47 26.33
C GLU C 151 -3.62 11.97 26.01
N ASP C 152 -3.62 12.83 27.02
CA ASP C 152 -3.74 14.26 26.75
C ASP C 152 -2.42 15.00 26.55
N LEU C 153 -1.31 14.36 26.91
CA LEU C 153 0.02 14.87 26.58
C LEU C 153 0.91 13.74 26.08
N VAL C 154 1.30 13.80 24.80
CA VAL C 154 2.14 12.74 24.26
C VAL C 154 3.42 13.28 23.64
N ALA C 155 4.42 12.43 23.54
CA ALA C 155 5.65 12.77 22.85
C ALA C 155 5.64 12.18 21.44
N LEU C 156 5.94 13.02 20.46
CA LEU C 156 6.01 12.61 19.07
C LEU C 156 7.44 12.77 18.57
N TRP C 157 7.75 12.04 17.51
CA TRP C 157 9.07 12.13 16.90
C TRP C 157 8.96 12.67 15.48
N LYS C 158 10.00 13.35 15.03
CA LYS C 158 10.04 13.84 13.67
C LYS C 158 11.46 13.74 13.11
N THR C 159 11.57 13.41 11.83
CA THR C 159 12.87 13.31 11.17
C THR C 159 13.13 14.49 10.25
N THR C 160 14.22 15.20 10.50
CA THR C 160 14.64 16.32 9.66
C THR C 160 16.15 16.29 9.46
N GLU C 161 16.56 16.34 8.19
CA GLU C 161 17.98 16.24 7.82
C GLU C 161 18.59 14.96 8.35
N GLY C 162 17.85 13.87 8.23
CA GLY C 162 18.31 12.58 8.71
C GLY C 162 18.34 12.44 10.22
N GLN C 163 18.10 13.55 10.92
CA GLN C 163 18.12 13.55 12.38
C GLN C 163 16.71 13.49 12.94
N ARG C 164 16.57 12.75 14.04
CA ARG C 164 15.28 12.58 14.69
C ARG C 164 15.21 13.35 16.00
N PHE C 165 14.12 14.09 16.19
CA PHE C 165 13.95 14.89 17.39
C PHE C 165 12.54 14.76 17.94
N GLN C 166 12.40 15.02 19.24
CA GLN C 166 11.16 14.79 19.97
C GLN C 166 10.44 16.10 20.30
N ASN C 167 9.11 16.07 20.18
CA ASN C 167 8.30 17.25 20.48
C ASN C 167 7.01 16.85 21.17
N TYR C 168 6.30 17.80 21.77
CA TYR C 168 5.08 17.48 22.51
C TYR C 168 3.81 17.78 21.74
N LYS C 169 2.85 16.86 21.80
CA LYS C 169 1.48 17.11 21.35
C LYS C 169 0.59 17.18 22.59
N ALA C 170 0.09 18.39 22.86
CA ALA C 170 -0.68 18.67 24.06
C ALA C 170 -2.14 18.99 23.75
N VAL C 171 -3.05 18.35 24.46
CA VAL C 171 -4.47 18.62 24.28
C VAL C 171 -5.02 19.48 25.41
N PHE C 172 -5.61 20.63 25.04
CA PHE C 172 -6.29 21.50 25.98
C PHE C 172 -7.78 21.53 25.65
N THR C 173 -8.59 21.94 26.61
CA THR C 173 -10.01 22.19 26.35
C THR C 173 -10.38 23.60 26.79
N ILE C 174 -11.09 24.32 25.92
CA ILE C 174 -11.49 25.70 26.22
C ILE C 174 -12.70 25.71 27.15
N LEU C 175 -12.58 26.38 28.29
CA LEU C 175 -13.70 26.49 29.22
C LEU C 175 -14.80 27.39 28.64
N ASP C 176 -16.04 27.03 28.91
CA ASP C 176 -17.20 27.80 28.45
C ASP C 176 -17.36 29.11 29.18
N GLU C 177 -16.69 30.14 28.68
CA GLU C 177 -16.78 31.50 29.20
C GLU C 177 -16.61 32.47 28.04
N ALA C 178 -17.60 33.32 27.80
CA ALA C 178 -17.52 34.30 26.72
C ALA C 178 -16.56 35.45 27.05
N VAL C 179 -16.46 35.81 28.32
CA VAL C 179 -15.65 36.95 28.73
C VAL C 179 -14.73 36.64 29.92
N ILE C 180 -13.45 36.94 29.76
CA ILE C 180 -12.48 36.76 30.83
C ILE C 180 -11.98 38.12 31.30
N PRO C 181 -12.24 38.46 32.57
CA PRO C 181 -11.90 39.77 33.15
C PRO C 181 -10.40 40.04 33.09
N ARG C 182 -10.02 41.21 32.57
CA ARG C 182 -8.60 41.56 32.52
C ARG C 182 -8.06 41.78 33.93
N ALA C 183 -8.92 42.19 34.85
CA ALA C 183 -8.55 42.38 36.24
C ALA C 183 -8.04 41.07 36.84
N TRP C 184 -8.76 39.99 36.55
CA TRP C 184 -8.37 38.67 37.02
C TRP C 184 -7.05 38.24 36.43
N VAL C 185 -6.94 38.38 35.11
CA VAL C 185 -5.73 38.02 34.39
C VAL C 185 -4.50 38.72 34.97
N HIS C 186 -4.56 40.04 35.02
CA HIS C 186 -3.44 40.83 35.52
C HIS C 186 -3.16 40.56 37.00
N ALA C 187 -4.20 40.33 37.78
CA ALA C 187 -4.01 40.01 39.20
C ALA C 187 -3.24 38.70 39.35
N VAL C 188 -3.65 37.69 38.60
CA VAL C 188 -3.03 36.37 38.67
C VAL C 188 -1.58 36.41 38.17
N GLY C 189 -1.37 37.09 37.05
CA GLY C 189 -0.05 37.24 36.46
C GLY C 189 0.96 37.87 37.41
N ARG C 190 0.50 38.78 38.26
CA ARG C 190 1.34 39.42 39.27
C ARG C 190 1.55 38.52 40.48
N GLY C 191 0.89 37.36 40.49
CA GLY C 191 1.03 36.42 41.58
C GLY C 191 0.11 36.68 42.76
N GLU C 192 -0.79 37.64 42.61
CA GLU C 192 -1.74 37.97 43.66
C GLU C 192 -2.85 36.93 43.74
N THR C 193 -3.41 36.76 44.93
CA THR C 193 -4.60 35.94 45.11
C THR C 193 -5.80 36.74 44.65
N SER C 194 -6.58 36.18 43.74
CA SER C 194 -7.77 36.86 43.24
C SER C 194 -8.98 35.95 43.31
N GLY C 195 -10.14 36.54 43.56
CA GLY C 195 -11.39 35.79 43.58
C GLY C 195 -12.24 36.16 42.38
N LEU C 196 -11.62 36.76 41.36
CA LEU C 196 -12.37 37.22 40.20
C LEU C 196 -12.48 36.18 39.10
N ALA C 197 -11.97 34.98 39.35
CA ALA C 197 -11.95 33.92 38.34
C ALA C 197 -13.35 33.55 37.87
N PRO C 198 -13.50 33.34 36.55
CA PRO C 198 -14.76 32.88 35.93
C PRO C 198 -15.28 31.61 36.58
N VAL C 199 -16.58 31.40 36.50
CA VAL C 199 -17.20 30.30 37.22
C VAL C 199 -16.73 28.93 36.74
N ALA C 200 -16.50 28.78 35.43
CA ALA C 200 -16.03 27.52 34.89
C ALA C 200 -14.67 27.12 35.47
N TRP C 201 -13.80 28.11 35.66
CA TRP C 201 -12.47 27.86 36.21
C TRP C 201 -12.55 27.39 37.67
N ASN C 202 -13.38 28.04 38.47
CA ASN C 202 -13.58 27.64 39.86
C ASN C 202 -14.23 26.26 39.95
N ALA C 203 -15.15 25.97 39.02
CA ALA C 203 -15.77 24.66 38.94
C ALA C 203 -14.75 23.59 38.59
N TRP C 204 -13.75 23.96 37.78
CA TRP C 204 -12.66 23.04 37.47
C TRP C 204 -11.79 22.84 38.71
N LEU C 205 -11.55 23.92 39.44
CA LEU C 205 -10.70 23.85 40.62
C LEU C 205 -11.30 22.98 41.72
N SER C 206 -12.60 23.12 41.94
CA SER C 206 -13.27 22.36 43.00
C SER C 206 -13.60 20.94 42.58
N ALA C 207 -14.21 20.79 41.40
CA ALA C 207 -14.59 19.47 40.91
C ALA C 207 -13.65 18.99 39.80
N GLY C 208 -13.59 19.76 38.71
CA GLY C 208 -12.78 19.43 37.56
C GLY C 208 -13.21 18.19 36.79
N GLY C 209 -14.38 18.22 36.17
CA GLY C 209 -15.26 19.36 36.20
C GLY C 209 -14.99 20.31 35.04
N ILE C 210 -14.98 19.77 33.84
CA ILE C 210 -14.66 20.57 32.66
C ILE C 210 -15.90 20.89 31.84
N ARG C 211 -16.26 22.18 31.82
CA ARG C 211 -17.39 22.65 31.04
C ARG C 211 -16.88 23.28 29.75
N PRO C 212 -16.90 22.51 28.65
CA PRO C 212 -16.27 22.95 27.40
C PRO C 212 -17.09 23.98 26.62
N LEU C 213 -16.42 24.91 25.96
CA LEU C 213 -17.06 25.91 25.11
C LEU C 213 -17.35 25.34 23.73
N MET C 214 -18.62 25.06 23.44
CA MET C 214 -18.99 24.47 22.16
C MET C 214 -19.85 25.39 21.31
N ALA C 215 -19.48 25.54 20.05
CA ALA C 215 -20.23 26.38 19.12
C ALA C 215 -21.54 25.70 18.74
N PRO C 216 -22.66 26.45 18.81
CA PRO C 216 -23.99 25.93 18.47
C PRO C 216 -24.13 25.71 16.97
N THR D 2 -33.04 13.36 -32.14
CA THR D 2 -33.63 14.59 -31.63
C THR D 2 -34.75 15.07 -32.53
N PHE D 3 -35.94 14.49 -32.39
CA PHE D 3 -36.19 13.34 -31.52
C PHE D 3 -37.07 12.38 -32.31
N PHE D 4 -36.55 11.20 -32.61
CA PHE D 4 -37.20 10.32 -33.58
C PHE D 4 -37.84 9.09 -32.93
N THR D 5 -39.10 8.84 -33.31
CA THR D 5 -39.83 7.67 -32.84
C THR D 5 -40.98 7.35 -33.78
N GLY D 6 -41.53 6.14 -33.65
CA GLY D 6 -42.63 5.71 -34.49
C GLY D 6 -42.23 5.53 -35.94
N GLU D 7 -43.14 5.88 -36.84
CA GLU D 7 -42.94 5.66 -38.27
C GLU D 7 -41.66 6.31 -38.81
N THR D 8 -41.27 7.43 -38.20
CA THR D 8 -40.07 8.16 -38.63
C THR D 8 -38.80 7.33 -38.51
N LEU D 9 -38.86 6.23 -37.77
CA LEU D 9 -37.70 5.35 -37.63
C LEU D 9 -37.42 4.57 -38.91
N GLY D 10 -38.34 4.67 -39.87
CA GLY D 10 -38.19 4.00 -41.14
C GLY D 10 -37.93 4.99 -42.25
N GLN D 11 -37.77 6.26 -41.88
CA GLN D 11 -37.61 7.34 -42.86
C GLN D 11 -36.31 8.11 -42.69
N VAL D 12 -36.08 8.62 -41.49
CA VAL D 12 -34.97 9.53 -41.24
C VAL D 12 -33.61 8.81 -41.25
N ASP D 13 -32.55 9.59 -41.41
CA ASP D 13 -31.19 9.07 -41.42
C ASP D 13 -30.64 8.88 -40.01
N LEU D 14 -29.43 8.35 -39.93
CA LEU D 14 -28.74 8.18 -38.65
C LEU D 14 -27.89 9.41 -38.37
N ILE D 15 -28.33 10.20 -37.40
CA ILE D 15 -27.68 11.47 -37.08
C ILE D 15 -27.00 11.40 -35.73
N VAL D 16 -25.73 11.80 -35.68
CA VAL D 16 -24.95 11.76 -34.45
C VAL D 16 -25.60 12.63 -33.37
N ASP D 17 -25.73 12.06 -32.17
CA ASP D 17 -26.32 12.70 -31.00
C ASP D 17 -27.85 12.81 -31.05
N ALA D 18 -28.45 12.34 -32.14
CA ALA D 18 -29.91 12.27 -32.22
C ALA D 18 -30.41 11.07 -31.43
N VAL D 19 -31.58 11.21 -30.81
CA VAL D 19 -32.13 10.15 -29.97
C VAL D 19 -33.29 9.41 -30.65
N TYR D 20 -33.12 8.10 -30.80
CA TYR D 20 -34.08 7.24 -31.46
C TYR D 20 -34.80 6.39 -30.43
N ALA D 21 -36.08 6.65 -30.24
CA ALA D 21 -36.85 6.05 -29.16
C ALA D 21 -37.78 4.95 -29.64
N GLY D 22 -37.77 3.82 -28.93
CA GLY D 22 -38.71 2.75 -29.22
C GLY D 22 -40.12 3.17 -28.87
N TYR D 23 -41.10 2.54 -29.50
CA TYR D 23 -42.50 2.87 -29.26
C TYR D 23 -43.23 1.72 -28.56
N LYS D 24 -44.29 2.06 -27.83
CA LYS D 24 -45.09 1.05 -27.14
C LYS D 24 -45.89 0.22 -28.13
N THR D 25 -45.81 -1.10 -27.98
CA THR D 25 -46.73 -1.99 -28.67
C THR D 25 -47.57 -2.70 -27.62
N GLU D 26 -48.76 -3.12 -28.00
CA GLU D 26 -49.66 -3.84 -27.11
C GLU D 26 -49.00 -5.11 -26.60
N ARG D 27 -49.34 -5.51 -25.39
CA ARG D 27 -48.94 -6.80 -24.86
C ARG D 27 -47.42 -6.97 -24.76
N GLY D 28 -46.79 -6.35 -23.77
CA GLY D 28 -45.40 -6.63 -23.47
C GLY D 28 -44.36 -5.53 -23.60
N GLY D 29 -44.79 -4.31 -23.87
CA GLY D 29 -43.87 -3.18 -23.82
C GLY D 29 -43.20 -2.75 -25.12
N MET D 30 -42.05 -2.09 -24.97
CA MET D 30 -41.40 -1.37 -26.06
C MET D 30 -40.93 -2.22 -27.24
N ALA D 31 -41.01 -1.65 -28.44
CA ALA D 31 -40.44 -2.24 -29.63
C ALA D 31 -39.13 -1.53 -29.95
N ASP D 32 -38.10 -2.29 -30.29
CA ASP D 32 -36.77 -1.74 -30.49
C ASP D 32 -36.68 -0.87 -31.75
N PRO D 33 -36.16 0.36 -31.60
CA PRO D 33 -36.07 1.34 -32.69
C PRO D 33 -35.00 1.00 -33.71
N LEU D 34 -34.01 0.22 -33.29
CA LEU D 34 -32.92 -0.15 -34.18
C LEU D 34 -33.39 -1.10 -35.28
N VAL D 35 -34.53 -1.75 -35.04
CA VAL D 35 -35.09 -2.65 -36.05
C VAL D 35 -35.60 -1.88 -37.28
N PRO D 36 -36.49 -0.88 -37.08
CA PRO D 36 -36.83 -0.08 -38.27
C PRO D 36 -35.69 0.82 -38.72
N LEU D 37 -34.83 1.22 -37.79
CA LEU D 37 -33.75 2.14 -38.14
C LEU D 37 -32.66 1.51 -38.99
N VAL D 38 -31.94 0.54 -38.44
CA VAL D 38 -30.80 -0.03 -39.15
C VAL D 38 -31.10 -1.43 -39.70
N GLY D 39 -32.11 -2.09 -39.15
CA GLY D 39 -32.55 -3.37 -39.65
C GLY D 39 -31.90 -4.58 -39.00
N VAL D 40 -31.52 -4.47 -37.74
CA VAL D 40 -30.90 -5.58 -37.02
C VAL D 40 -31.91 -6.30 -36.11
N SER D 41 -31.43 -7.32 -35.41
CA SER D 41 -32.27 -8.06 -34.46
C SER D 41 -32.64 -7.18 -33.27
N ARG D 42 -33.70 -7.56 -32.57
CA ARG D 42 -34.33 -6.68 -31.58
C ARG D 42 -33.53 -6.51 -30.28
N GLN D 43 -32.71 -7.49 -29.93
CA GLN D 43 -31.97 -7.39 -28.66
C GLN D 43 -30.50 -7.73 -28.76
N GLY D 44 -29.78 -7.45 -27.68
CA GLY D 44 -28.34 -7.67 -27.61
C GLY D 44 -27.59 -6.36 -27.48
N GLY D 45 -26.44 -6.41 -26.83
CA GLY D 45 -25.54 -5.26 -26.76
C GLY D 45 -24.52 -5.37 -27.88
N PHE D 46 -24.57 -6.50 -28.57
CA PHE D 46 -23.76 -6.75 -29.76
C PHE D 46 -24.68 -7.36 -30.83
N ARG D 47 -24.95 -6.61 -31.88
CA ARG D 47 -25.83 -7.09 -32.94
C ARG D 47 -25.14 -6.99 -34.29
N TYR D 48 -25.52 -7.86 -35.22
CA TYR D 48 -24.93 -7.83 -36.55
C TYR D 48 -25.87 -8.37 -37.62
N ARG D 49 -25.58 -8.02 -38.87
CA ARG D 49 -26.28 -8.60 -40.01
C ARG D 49 -25.29 -9.41 -40.83
N GLY D 50 -25.82 -10.32 -41.65
CA GLY D 50 -24.98 -11.19 -42.46
C GLY D 50 -24.69 -12.50 -41.75
N THR D 51 -23.50 -13.05 -41.97
CA THR D 51 -23.12 -14.30 -41.34
C THR D 51 -21.81 -14.16 -40.57
N ARG D 52 -21.47 -15.17 -39.79
CA ARG D 52 -20.25 -15.17 -38.99
C ARG D 52 -19.06 -14.97 -39.90
N GLU D 53 -19.06 -15.67 -41.03
CA GLU D 53 -17.93 -15.65 -41.95
C GLU D 53 -17.86 -14.33 -42.73
N ARG D 54 -19.03 -13.76 -43.03
CA ARG D 54 -19.09 -12.49 -43.74
C ARG D 54 -20.13 -11.54 -43.14
N PRO D 55 -19.78 -10.87 -42.03
CA PRO D 55 -20.67 -9.88 -41.43
C PRO D 55 -20.82 -8.63 -42.29
N THR D 56 -22.05 -8.19 -42.51
CA THR D 56 -22.33 -7.03 -43.35
C THR D 56 -22.44 -5.72 -42.57
N LEU D 57 -23.05 -5.78 -41.38
CA LEU D 57 -23.24 -4.60 -40.55
C LEU D 57 -23.04 -4.93 -39.09
N LEU D 58 -22.55 -3.96 -38.32
CA LEU D 58 -22.26 -4.20 -36.92
C LEU D 58 -22.83 -3.09 -36.02
N VAL D 59 -23.76 -3.46 -35.15
CA VAL D 59 -24.36 -2.51 -34.21
C VAL D 59 -23.87 -2.74 -32.78
N LEU D 60 -23.30 -1.71 -32.17
CA LEU D 60 -22.82 -1.79 -30.80
C LEU D 60 -23.60 -0.85 -29.89
N THR D 61 -24.24 -1.41 -28.86
CA THR D 61 -24.95 -0.60 -27.88
C THR D 61 -24.35 -0.77 -26.48
N SER D 62 -24.42 0.28 -25.69
CA SER D 62 -23.91 0.26 -24.33
C SER D 62 -24.65 1.30 -23.50
N ASN D 63 -24.73 1.08 -22.18
CA ASN D 63 -25.42 2.03 -21.31
C ASN D 63 -24.48 2.97 -20.58
N LEU D 64 -23.19 2.64 -20.59
CA LEU D 64 -22.16 3.40 -19.88
C LEU D 64 -22.41 3.47 -18.39
N ALA D 65 -23.25 2.56 -17.88
CA ALA D 65 -23.63 2.58 -16.48
C ALA D 65 -23.13 1.35 -15.73
N GLU D 66 -22.44 0.47 -16.43
CA GLU D 66 -21.98 -0.78 -15.84
C GLU D 66 -20.56 -0.69 -15.31
N PRO D 67 -20.41 -0.80 -13.98
CA PRO D 67 -19.11 -0.68 -13.32
C PRO D 67 -18.20 -1.87 -13.58
N GLU D 68 -18.79 -3.05 -13.79
CA GLU D 68 -18.01 -4.26 -14.04
C GLU D 68 -17.35 -4.25 -15.41
N TRP D 69 -18.05 -3.69 -16.38
CA TRP D 69 -17.54 -3.56 -17.73
C TRP D 69 -17.66 -2.11 -18.19
N PRO D 70 -16.75 -1.25 -17.71
CA PRO D 70 -16.82 0.19 -17.94
C PRO D 70 -16.56 0.61 -19.38
N ASP D 71 -17.56 0.44 -20.24
CA ASP D 71 -17.50 1.01 -21.59
C ASP D 71 -17.29 2.51 -21.48
N GLN D 72 -16.61 3.09 -22.47
CA GLN D 72 -16.19 4.48 -22.38
C GLN D 72 -16.33 5.18 -23.72
N LEU D 73 -16.79 6.43 -23.71
CA LEU D 73 -16.85 7.21 -24.94
C LEU D 73 -16.24 8.59 -24.76
N ASP D 74 -15.00 8.73 -25.21
CA ASP D 74 -14.26 9.98 -25.08
C ASP D 74 -14.59 10.93 -26.23
N GLU D 75 -15.48 11.87 -25.99
CA GLU D 75 -15.90 12.83 -27.00
C GLU D 75 -14.77 13.77 -27.43
N THR D 76 -13.68 13.78 -26.67
CA THR D 76 -12.52 14.61 -27.02
C THR D 76 -11.65 13.99 -28.10
N THR D 77 -11.48 12.66 -28.05
CA THR D 77 -10.68 11.95 -29.05
C THR D 77 -11.56 11.15 -30.03
N GLY D 78 -12.83 11.00 -29.69
CA GLY D 78 -13.74 10.21 -30.51
C GLY D 78 -13.48 8.71 -30.33
N THR D 79 -12.89 8.36 -29.20
CA THR D 79 -12.52 6.99 -28.91
C THR D 79 -13.65 6.24 -28.21
N PHE D 80 -13.95 5.04 -28.69
CA PHE D 80 -14.98 4.22 -28.06
C PHE D 80 -14.43 2.90 -27.54
N ILE D 81 -14.32 2.79 -26.21
CA ILE D 81 -13.85 1.57 -25.58
C ILE D 81 -15.01 0.66 -25.20
N TYR D 82 -14.97 -0.57 -25.71
CA TYR D 82 -16.12 -1.47 -25.69
C TYR D 82 -15.73 -2.88 -25.25
N TYR D 83 -16.52 -3.48 -24.37
CA TYR D 83 -16.19 -4.80 -23.82
C TYR D 83 -16.99 -5.93 -24.47
N GLY D 84 -16.39 -7.13 -24.49
CA GLY D 84 -16.94 -8.26 -25.20
C GLY D 84 -18.13 -8.91 -24.55
N ASP D 85 -18.64 -9.96 -25.19
CA ASP D 85 -19.91 -10.57 -24.80
C ASP D 85 -19.77 -11.85 -23.97
N ASN D 86 -18.59 -12.10 -23.41
CA ASN D 86 -18.42 -13.19 -22.44
C ASN D 86 -18.25 -12.61 -21.05
N ARG D 87 -19.37 -12.42 -20.36
CA ARG D 87 -19.41 -11.65 -19.12
C ARG D 87 -19.69 -12.49 -17.88
N HIS D 88 -19.72 -13.81 -18.04
CA HIS D 88 -19.91 -14.73 -16.91
C HIS D 88 -19.00 -15.94 -17.03
N PRO D 89 -18.51 -16.45 -15.89
CA PRO D 89 -17.56 -17.58 -15.87
C PRO D 89 -18.13 -18.83 -16.52
N GLY D 90 -17.24 -19.75 -16.89
CA GLY D 90 -17.66 -21.05 -17.37
C GLY D 90 -17.42 -21.33 -18.83
N ARG D 91 -17.15 -20.27 -19.60
CA ARG D 91 -16.90 -20.45 -21.03
C ARG D 91 -15.64 -19.73 -21.50
N LEU D 92 -15.00 -20.29 -22.52
CA LEU D 92 -13.78 -19.71 -23.07
C LEU D 92 -14.06 -18.40 -23.82
N LEU D 93 -13.00 -17.60 -23.99
CA LEU D 93 -13.08 -16.26 -24.58
C LEU D 93 -13.89 -16.20 -25.87
N HIS D 94 -13.67 -17.17 -26.75
CA HIS D 94 -14.26 -17.17 -28.09
C HIS D 94 -15.65 -17.78 -28.08
N ASP D 95 -15.98 -18.50 -27.01
CA ASP D 95 -17.24 -19.22 -26.94
C ASP D 95 -18.35 -18.37 -26.33
N THR D 96 -19.18 -17.79 -27.18
CA THR D 96 -20.31 -17.00 -26.75
C THR D 96 -21.49 -17.33 -27.65
N PRO D 97 -22.73 -17.19 -27.14
CA PRO D 97 -23.90 -17.56 -27.95
C PRO D 97 -24.03 -16.75 -29.23
N ARG D 98 -23.86 -15.44 -29.15
CA ARG D 98 -24.06 -14.58 -30.30
C ARG D 98 -22.76 -14.25 -31.04
N PHE D 99 -21.69 -14.94 -30.67
CA PHE D 99 -20.42 -14.87 -31.39
C PHE D 99 -19.83 -13.46 -31.48
N GLY D 100 -20.01 -12.66 -30.43
CA GLY D 100 -19.48 -11.31 -30.40
C GLY D 100 -17.95 -11.24 -30.35
N ASN D 101 -17.33 -12.08 -29.53
CA ASN D 101 -15.88 -12.07 -29.38
C ASN D 101 -15.17 -12.60 -30.62
N GLN D 102 -15.75 -13.61 -31.24
CA GLN D 102 -15.19 -14.14 -32.48
C GLN D 102 -15.20 -13.05 -33.53
N LEU D 103 -16.33 -12.35 -33.62
CA LEU D 103 -16.45 -11.25 -34.56
C LEU D 103 -15.44 -10.16 -34.28
N LEU D 104 -15.36 -9.69 -33.04
CA LEU D 104 -14.39 -8.67 -32.67
C LEU D 104 -12.97 -9.06 -33.09
N ARG D 105 -12.58 -10.28 -32.70
CA ARG D 105 -11.27 -10.83 -33.06
C ARG D 105 -11.03 -10.79 -34.56
N GLN D 106 -12.01 -11.25 -35.33
CA GLN D 106 -11.89 -11.30 -36.78
C GLN D 106 -11.79 -9.92 -37.42
N ILE D 107 -12.66 -9.01 -36.99
CA ILE D 107 -12.70 -7.66 -37.50
C ILE D 107 -11.36 -6.98 -37.26
N PHE D 108 -10.84 -7.13 -36.05
CA PHE D 108 -9.57 -6.50 -35.71
C PHE D 108 -8.41 -7.13 -36.46
N ASP D 109 -8.45 -8.46 -36.63
CA ASP D 109 -7.46 -9.15 -37.44
C ASP D 109 -7.40 -8.57 -38.84
N TRP D 110 -8.56 -8.52 -39.50
CA TRP D 110 -8.69 -7.93 -40.82
C TRP D 110 -8.14 -6.51 -40.85
N ALA D 111 -8.53 -5.70 -39.87
CA ALA D 111 -8.08 -4.32 -39.82
C ALA D 111 -6.56 -4.20 -39.74
N HIS D 112 -5.95 -5.08 -38.94
CA HIS D 112 -4.51 -5.06 -38.75
C HIS D 112 -3.75 -5.56 -39.97
N LEU D 113 -4.38 -6.46 -40.73
CA LEU D 113 -3.71 -7.04 -41.90
C LEU D 113 -3.78 -6.17 -43.16
N GLY D 114 -4.57 -5.11 -43.11
CA GLY D 114 -4.81 -4.28 -44.29
C GLY D 114 -5.99 -4.78 -45.10
N GLN D 115 -6.76 -5.70 -44.52
CA GLN D 115 -7.94 -6.26 -45.17
C GLN D 115 -9.17 -5.42 -44.88
N ARG D 116 -8.99 -4.10 -44.87
CA ARG D 116 -10.03 -3.16 -44.44
C ARG D 116 -11.38 -3.36 -45.14
N HIS D 117 -11.35 -3.86 -46.37
CA HIS D 117 -12.56 -4.05 -47.15
C HIS D 117 -13.44 -5.18 -46.62
N LEU D 118 -12.89 -5.97 -45.69
CA LEU D 118 -13.64 -7.05 -45.08
C LEU D 118 -14.37 -6.60 -43.82
N VAL D 119 -13.96 -5.46 -43.27
CA VAL D 119 -14.53 -4.93 -42.04
C VAL D 119 -15.85 -4.21 -42.28
N PRO D 120 -16.95 -4.77 -41.73
CA PRO D 120 -18.27 -4.18 -41.85
C PRO D 120 -18.35 -2.84 -41.13
N PRO D 121 -19.24 -1.95 -41.62
CA PRO D 121 -19.54 -0.69 -40.93
C PRO D 121 -19.98 -0.97 -39.50
N ILE D 122 -19.54 -0.12 -38.58
CA ILE D 122 -19.82 -0.29 -37.17
C ILE D 122 -20.56 0.91 -36.64
N LEU D 123 -21.83 0.71 -36.27
CA LEU D 123 -22.66 1.79 -35.76
C LEU D 123 -22.74 1.71 -34.24
N VAL D 124 -22.38 2.80 -33.57
CA VAL D 124 -22.29 2.83 -32.12
C VAL D 124 -23.46 3.59 -31.49
N PHE D 125 -24.24 2.92 -30.65
CA PHE D 125 -25.33 3.56 -29.93
C PHE D 125 -25.12 3.50 -28.43
N THR D 126 -25.53 4.54 -27.70
CA THR D 126 -25.57 4.46 -26.24
C THR D 126 -27.00 4.60 -25.75
N THR D 127 -27.33 3.99 -24.62
CA THR D 127 -28.70 4.06 -24.09
C THR D 127 -28.96 5.37 -23.34
N GLU D 128 -30.22 5.77 -23.29
CA GLU D 128 -30.62 6.99 -22.59
C GLU D 128 -31.49 6.68 -21.36
N ALA D 129 -32.06 7.73 -20.79
CA ALA D 129 -32.86 7.62 -19.56
C ALA D 129 -34.05 6.68 -19.72
N THR D 130 -35.01 7.09 -20.54
CA THR D 130 -36.26 6.36 -20.71
C THR D 130 -36.09 5.00 -21.39
N GLY D 131 -37.13 4.17 -21.31
CA GLY D 131 -37.05 2.79 -21.75
C GLY D 131 -36.87 2.56 -23.24
N ARG D 132 -35.82 1.80 -23.57
CA ARG D 132 -35.53 1.40 -24.95
C ARG D 132 -35.39 2.58 -25.91
N THR D 133 -34.43 3.46 -25.61
CA THR D 133 -34.08 4.58 -26.47
C THR D 133 -32.56 4.60 -26.66
N PHE D 134 -32.12 5.06 -27.82
CA PHE D 134 -30.69 5.07 -28.12
C PHE D 134 -30.23 6.38 -28.74
N ARG D 135 -29.14 6.93 -28.22
CA ARG D 135 -28.47 8.08 -28.80
C ARG D 135 -27.33 7.59 -29.69
N PHE D 136 -27.42 7.90 -30.99
CA PHE D 136 -26.44 7.48 -31.97
C PHE D 136 -25.16 8.30 -31.85
N ARG D 137 -24.03 7.61 -31.69
CA ARG D 137 -22.75 8.26 -31.44
C ARG D 137 -21.90 8.42 -32.70
N GLY D 138 -22.08 7.52 -33.65
CA GLY D 138 -21.42 7.65 -34.94
C GLY D 138 -21.05 6.33 -35.59
N LEU D 139 -20.48 6.43 -36.78
CA LEU D 139 -19.93 5.29 -37.50
C LEU D 139 -18.47 5.12 -37.07
N ALA D 140 -18.07 3.87 -36.81
CA ALA D 140 -16.75 3.66 -36.24
C ALA D 140 -15.89 2.61 -36.95
N VAL D 141 -14.58 2.71 -36.73
CA VAL D 141 -13.63 1.74 -37.27
C VAL D 141 -12.81 1.13 -36.13
N PRO D 142 -12.30 -0.10 -36.33
CA PRO D 142 -11.43 -0.69 -35.33
C PRO D 142 -10.12 0.07 -35.20
N GLY D 143 -9.65 0.23 -33.97
CA GLY D 143 -8.35 0.84 -33.74
C GLY D 143 -8.39 2.32 -33.45
N SER D 144 -7.21 2.88 -33.23
CA SER D 144 -7.05 4.28 -32.89
C SER D 144 -5.73 4.78 -33.45
N PRO D 145 -5.70 6.04 -33.90
CA PRO D 145 -4.46 6.69 -34.35
C PRO D 145 -3.41 6.84 -33.24
N ALA D 146 -3.82 6.64 -31.99
CA ALA D 146 -2.89 6.76 -30.87
C ALA D 146 -2.36 5.40 -30.43
N LEU D 147 -2.86 4.33 -31.05
CA LEU D 147 -2.48 2.97 -30.66
C LEU D 147 -1.87 2.16 -31.78
N ALA D 148 -0.92 1.29 -31.43
CA ALA D 148 -0.39 0.32 -32.36
C ALA D 148 -1.39 -0.82 -32.56
N ALA D 149 -1.11 -1.71 -33.49
CA ALA D 149 -2.02 -2.80 -33.79
C ALA D 149 -2.25 -3.71 -32.59
N THR D 150 -1.16 -4.05 -31.90
CA THR D 150 -1.24 -4.97 -30.76
C THR D 150 -1.97 -4.39 -29.55
N GLU D 151 -2.27 -3.09 -29.60
CA GLU D 151 -2.80 -2.37 -28.46
C GLU D 151 -4.31 -2.17 -28.49
N ASP D 152 -4.92 -2.29 -29.66
CA ASP D 152 -6.33 -1.91 -29.80
C ASP D 152 -7.36 -3.02 -29.51
N LEU D 153 -6.90 -4.27 -29.42
CA LEU D 153 -7.75 -5.37 -28.98
C LEU D 153 -7.00 -6.24 -27.97
N VAL D 154 -7.48 -6.29 -26.73
CA VAL D 154 -6.77 -7.06 -25.70
C VAL D 154 -7.67 -7.98 -24.90
N ALA D 155 -7.13 -9.10 -24.46
CA ALA D 155 -7.89 -10.02 -23.62
C ALA D 155 -7.63 -9.71 -22.15
N LEU D 156 -8.71 -9.47 -21.41
CA LEU D 156 -8.64 -9.23 -19.98
C LEU D 156 -9.28 -10.38 -19.24
N TRP D 157 -8.90 -10.54 -17.98
CA TRP D 157 -9.47 -11.57 -17.11
C TRP D 157 -10.28 -10.95 -15.97
N LYS D 158 -11.29 -11.67 -15.50
CA LYS D 158 -12.04 -11.23 -14.33
C LYS D 158 -12.43 -12.44 -13.47
N THR D 159 -12.43 -12.24 -12.16
CA THR D 159 -12.83 -13.30 -11.23
C THR D 159 -14.20 -13.04 -10.64
N THR D 160 -15.18 -13.84 -11.05
CA THR D 160 -16.50 -13.80 -10.48
C THR D 160 -16.68 -15.10 -9.72
N GLU D 161 -17.16 -15.00 -8.48
CA GLU D 161 -17.15 -16.12 -7.54
C GLU D 161 -15.71 -16.60 -7.35
N GLY D 162 -15.47 -17.88 -7.58
CA GLY D 162 -14.12 -18.40 -7.44
C GLY D 162 -13.51 -18.69 -8.80
N GLN D 163 -14.21 -18.29 -9.86
CA GLN D 163 -13.85 -18.67 -11.21
C GLN D 163 -13.36 -17.49 -12.06
N ARG D 164 -12.24 -17.68 -12.73
CA ARG D 164 -11.66 -16.69 -13.62
C ARG D 164 -12.10 -16.92 -15.07
N PHE D 165 -12.52 -15.86 -15.73
CA PHE D 165 -12.96 -15.96 -17.12
C PHE D 165 -12.42 -14.80 -17.94
N GLN D 166 -12.34 -15.01 -19.26
CA GLN D 166 -11.68 -14.07 -20.14
C GLN D 166 -12.66 -13.35 -21.07
N ASN D 167 -12.41 -12.07 -21.30
CA ASN D 167 -13.24 -11.25 -22.15
C ASN D 167 -12.45 -10.16 -22.88
N TYR D 168 -12.99 -9.65 -23.99
CA TYR D 168 -12.27 -8.70 -24.83
C TYR D 168 -12.50 -7.24 -24.44
N LYS D 169 -11.43 -6.44 -24.49
CA LYS D 169 -11.52 -4.99 -24.45
C LYS D 169 -11.05 -4.45 -25.81
N ALA D 170 -11.97 -3.80 -26.50
CA ALA D 170 -11.75 -3.33 -27.87
C ALA D 170 -11.79 -1.81 -27.96
N VAL D 171 -10.83 -1.25 -28.69
CA VAL D 171 -10.81 0.19 -28.92
C VAL D 171 -11.26 0.52 -30.33
N PHE D 172 -12.26 1.37 -30.44
CA PHE D 172 -12.77 1.82 -31.72
C PHE D 172 -12.57 3.33 -31.85
N THR D 173 -12.68 3.84 -33.08
CA THR D 173 -12.66 5.28 -33.29
C THR D 173 -13.86 5.71 -34.12
N ILE D 174 -14.58 6.72 -33.63
CA ILE D 174 -15.74 7.25 -34.34
C ILE D 174 -15.28 8.15 -35.48
N LEU D 175 -15.73 7.86 -36.70
CA LEU D 175 -15.37 8.66 -37.87
C LEU D 175 -16.11 10.00 -37.92
N ASP D 176 -15.43 11.02 -38.44
CA ASP D 176 -15.99 12.36 -38.56
C ASP D 176 -17.07 12.45 -39.63
N GLU D 177 -18.28 12.07 -39.27
CA GLU D 177 -19.44 12.16 -40.15
C GLU D 177 -20.67 12.45 -39.31
N ALA D 178 -21.35 13.56 -39.57
CA ALA D 178 -22.52 13.93 -38.78
C ALA D 178 -23.75 13.14 -39.22
N VAL D 179 -23.81 12.77 -40.49
CA VAL D 179 -24.97 12.08 -41.03
C VAL D 179 -24.57 10.80 -41.76
N ILE D 180 -25.23 9.70 -41.41
CA ILE D 180 -25.01 8.42 -42.09
C ILE D 180 -26.29 8.01 -42.79
N PRO D 181 -26.25 7.94 -44.12
CA PRO D 181 -27.44 7.63 -44.93
C PRO D 181 -28.02 6.27 -44.59
N ARG D 182 -29.33 6.21 -44.30
CA ARG D 182 -29.98 4.94 -44.00
C ARG D 182 -30.01 4.03 -45.22
N ALA D 183 -29.97 4.63 -46.41
CA ALA D 183 -29.92 3.87 -47.65
C ALA D 183 -28.64 3.03 -47.70
N TRP D 184 -27.52 3.64 -47.32
CA TRP D 184 -26.25 2.93 -47.28
C TRP D 184 -26.26 1.82 -46.24
N VAL D 185 -26.75 2.15 -45.05
CA VAL D 185 -26.87 1.20 -43.97
C VAL D 185 -27.66 -0.05 -44.40
N HIS D 186 -28.85 0.15 -44.93
CA HIS D 186 -29.70 -0.97 -45.32
C HIS D 186 -29.16 -1.71 -46.54
N ALA D 187 -28.59 -0.98 -47.49
CA ALA D 187 -28.01 -1.60 -48.68
C ALA D 187 -26.91 -2.56 -48.26
N VAL D 188 -25.94 -2.04 -47.51
CA VAL D 188 -24.81 -2.83 -47.05
C VAL D 188 -25.28 -4.00 -46.19
N GLY D 189 -26.20 -3.74 -45.28
CA GLY D 189 -26.74 -4.77 -44.41
C GLY D 189 -27.35 -5.95 -45.15
N ARG D 190 -28.04 -5.66 -46.25
CA ARG D 190 -28.68 -6.70 -47.06
C ARG D 190 -27.69 -7.50 -47.89
N GLY D 191 -26.44 -7.07 -47.90
CA GLY D 191 -25.40 -7.73 -48.67
C GLY D 191 -25.19 -7.14 -50.04
N GLU D 192 -25.94 -6.09 -50.37
CA GLU D 192 -25.77 -5.39 -51.63
C GLU D 192 -24.48 -4.59 -51.62
N THR D 193 -23.88 -4.39 -52.79
CA THR D 193 -22.71 -3.53 -52.90
C THR D 193 -23.17 -2.09 -53.17
N SER D 194 -22.56 -1.13 -52.48
CA SER D 194 -23.08 0.24 -52.44
C SER D 194 -21.97 1.28 -52.59
N GLY D 195 -22.32 2.42 -53.17
CA GLY D 195 -21.37 3.51 -53.35
C GLY D 195 -21.75 4.70 -52.49
N LEU D 196 -22.76 4.51 -51.65
CA LEU D 196 -23.29 5.58 -50.83
C LEU D 196 -22.51 5.80 -49.53
N ALA D 197 -21.39 5.09 -49.39
CA ALA D 197 -20.57 5.19 -48.19
C ALA D 197 -20.12 6.62 -47.92
N PRO D 198 -20.12 7.03 -46.65
CA PRO D 198 -19.61 8.35 -46.24
C PRO D 198 -18.16 8.52 -46.63
N VAL D 199 -17.75 9.77 -46.87
CA VAL D 199 -16.41 10.07 -47.33
C VAL D 199 -15.30 9.51 -46.43
N ALA D 200 -15.44 9.72 -45.12
CA ALA D 200 -14.43 9.27 -44.16
C ALA D 200 -14.21 7.76 -44.21
N TRP D 201 -15.29 7.02 -44.43
CA TRP D 201 -15.22 5.57 -44.53
C TRP D 201 -14.39 5.15 -45.73
N ASN D 202 -14.67 5.75 -46.88
CA ASN D 202 -13.92 5.45 -48.10
C ASN D 202 -12.44 5.84 -47.97
N ALA D 203 -12.19 6.99 -47.36
CA ALA D 203 -10.83 7.41 -47.07
C ALA D 203 -10.11 6.37 -46.21
N TRP D 204 -10.84 5.80 -45.26
CA TRP D 204 -10.28 4.73 -44.44
C TRP D 204 -9.98 3.50 -45.29
N LEU D 205 -10.90 3.17 -46.19
CA LEU D 205 -10.76 1.99 -47.04
C LEU D 205 -9.54 2.07 -47.94
N SER D 206 -9.29 3.24 -48.52
CA SER D 206 -8.22 3.40 -49.48
C SER D 206 -6.87 3.74 -48.84
N ALA D 207 -6.87 4.74 -47.97
CA ALA D 207 -5.62 5.25 -47.42
C ALA D 207 -5.24 4.61 -46.10
N GLY D 208 -6.23 3.98 -45.44
CA GLY D 208 -6.02 3.42 -44.11
C GLY D 208 -6.01 4.50 -43.04
N GLY D 209 -6.31 5.74 -43.44
CA GLY D 209 -6.26 6.87 -42.54
C GLY D 209 -7.57 7.12 -41.83
N ILE D 210 -7.47 7.52 -40.56
CA ILE D 210 -8.65 7.74 -39.73
C ILE D 210 -8.85 9.22 -39.41
N ARG D 211 -9.99 9.76 -39.84
CA ARG D 211 -10.41 11.09 -39.43
C ARG D 211 -11.44 10.98 -38.31
N PRO D 212 -10.99 11.11 -37.06
CA PRO D 212 -11.87 10.92 -35.90
C PRO D 212 -12.87 12.04 -35.78
N LEU D 213 -14.01 11.75 -35.15
CA LEU D 213 -15.01 12.76 -34.82
C LEU D 213 -14.70 13.36 -33.45
N MET D 214 -14.11 14.54 -33.45
CA MET D 214 -13.75 15.21 -32.19
C MET D 214 -14.67 16.37 -31.88
N ALA D 215 -15.20 16.39 -30.65
CA ALA D 215 -16.02 17.50 -30.20
C ALA D 215 -15.16 18.74 -30.01
N PRO D 216 -15.66 19.91 -30.45
CA PRO D 216 -14.91 21.17 -30.37
C PRO D 216 -14.73 21.64 -28.94
P PO4 E . 6.21 -18.59 15.22
O1 PO4 E . 6.04 -20.05 14.85
O2 PO4 E . 4.87 -17.99 15.56
O3 PO4 E . 7.14 -18.49 16.42
O4 PO4 E . 6.83 -17.82 14.08
P PO4 F . 6.56 -39.08 -7.71
O1 PO4 F . 8.02 -39.00 -7.36
O2 PO4 F . 6.35 -40.11 -8.80
O3 PO4 F . 5.77 -39.48 -6.49
O4 PO4 F . 6.08 -37.73 -8.20
P PO4 G . 2.06 -40.56 -21.25
O1 PO4 G . 3.10 -41.65 -21.39
O2 PO4 G . 1.17 -40.52 -22.48
O3 PO4 G . 1.21 -40.82 -20.03
O4 PO4 G . 2.77 -39.23 -21.10
P PO4 H . 19.89 -12.94 -7.57
O1 PO4 H . 20.08 -13.80 -8.81
O2 PO4 H . 18.75 -13.52 -6.76
O3 PO4 H . 21.16 -12.91 -6.75
O4 PO4 H . 19.57 -11.52 -7.99
P PO4 I . 33.25 -2.17 31.94
O1 PO4 I . 33.06 -3.46 32.73
O2 PO4 I . 32.18 -1.19 32.33
O3 PO4 I . 34.62 -1.58 32.25
O4 PO4 I . 33.18 -2.47 30.46
P PO4 J . 0.38 44.24 35.17
O1 PO4 J . 1.44 43.86 36.17
O2 PO4 J . -0.30 42.99 34.67
O3 PO4 J . -0.64 45.16 35.82
O4 PO4 J . 1.01 44.96 34.01
P PO4 K . -34.02 -4.07 -44.92
O1 PO4 K . -33.98 -5.28 -45.82
O2 PO4 K . -34.71 -2.93 -45.64
O3 PO4 K . -34.76 -4.41 -43.65
O4 PO4 K . -32.60 -3.67 -44.57
P PO4 L . -30.57 -6.47 -24.24
O1 PO4 L . -29.77 -7.74 -24.51
O2 PO4 L . -31.95 -6.84 -23.77
O3 PO4 L . -29.85 -5.68 -23.17
O4 PO4 L . -30.67 -5.64 -25.49
#